data_9DR8
#
_entry.id   9DR8
#
_cell.length_a   115.467
_cell.length_b   52.327
_cell.length_c   120.396
_cell.angle_alpha   90.00
_cell.angle_beta   92.50
_cell.angle_gamma   90.00
#
_symmetry.space_group_name_H-M   'C 1 2 1'
#
loop_
_entity.id
_entity.type
_entity.pdbx_description
1 polymer 'Catechol 1,2-dioxygenase'
2 non-polymer 'NONAETHYLENE GLYCOL'
3 non-polymer 'FE (III) ION'
4 non-polymer 'CALCIUM ION'
5 non-polymer 'DODECAETHYLENE GLYCOL'
6 water water
#
_entity_poly.entity_id   1
_entity_poly.type   'polypeptide(L)'
_entity_poly.pdbx_seq_one_letter_code
;MAHHHHHHMSVKVFDTKEVQDLLKAAANLNGDAGNARFRQIVHRLLSDLFKAIDDLDITPDEVWAGVNYLNKLGQDGEAA
LLAAGIGLEKYLDIRMDAADRAAGLDGGTPRTIEGPLYVAGAPVRDGVAKIDLDDDADAGPLVIRGTVTGTDGKPLAGAL
VECWHANSKGFYSHFDPTGAQTAFNLRGAVRTDANGKYEFRTLMPVGYGCPPQGATQQLLNGLGRHGNRPAHVHFFVSGD
GHRKLTTQFNIEGDPLIWDDFAYATREELIPHVVDKTGGAALGMKSDAYKEIEFDIVLTPLLDGRDNQVVHRPRASADA
;
_entity_poly.pdbx_strand_id   A,B
#
loop_
_chem_comp.id
_chem_comp.type
_chem_comp.name
_chem_comp.formula
12P non-polymer 'DODECAETHYLENE GLYCOL' 'C24 H50 O13'
2PE non-polymer 'NONAETHYLENE GLYCOL' 'C18 H38 O10'
CA non-polymer 'CALCIUM ION' 'Ca 2'
FE non-polymer 'FE (III) ION' 'Fe 3'
#
# COMPACT_ATOMS: atom_id res chain seq x y z
N VAL A 11 17.08 19.96 -4.76
CA VAL A 11 18.17 19.24 -5.42
C VAL A 11 17.61 18.20 -6.38
N LYS A 12 18.47 17.71 -7.28
CA LYS A 12 18.13 16.65 -8.22
C LYS A 12 19.26 15.63 -8.17
N VAL A 13 18.97 14.46 -7.60
CA VAL A 13 19.96 13.41 -7.39
C VAL A 13 19.65 12.15 -8.17
N PHE A 14 18.51 12.08 -8.87
CA PHE A 14 18.07 10.81 -9.43
C PHE A 14 19.10 10.22 -10.39
N ASP A 15 19.75 11.06 -11.19
CA ASP A 15 20.68 10.56 -12.20
C ASP A 15 22.05 10.20 -11.66
N THR A 16 22.30 10.38 -10.36
CA THR A 16 23.63 10.11 -9.84
C THR A 16 23.88 8.62 -9.76
N LYS A 17 25.16 8.26 -9.83
CA LYS A 17 25.54 6.84 -9.74
C LYS A 17 25.09 6.24 -8.42
N GLU A 18 25.17 7.01 -7.33
CA GLU A 18 24.76 6.51 -6.02
CA GLU A 18 24.77 6.46 -6.05
C GLU A 18 23.32 6.03 -6.06
N VAL A 19 22.43 6.83 -6.64
CA VAL A 19 21.01 6.47 -6.66
C VAL A 19 20.77 5.31 -7.62
N GLN A 20 21.41 5.33 -8.79
CA GLN A 20 21.18 4.24 -9.73
C GLN A 20 21.72 2.91 -9.19
N ASP A 21 22.82 2.97 -8.44
CA ASP A 21 23.33 1.75 -7.80
C ASP A 21 22.38 1.27 -6.71
N LEU A 22 21.81 2.21 -5.95
CA LEU A 22 20.86 1.84 -4.92
C LEU A 22 19.66 1.14 -5.52
N LEU A 23 19.16 1.63 -6.65
CA LEU A 23 18.02 0.99 -7.30
C LEU A 23 18.36 -0.40 -7.80
N LYS A 24 19.55 -0.58 -8.38
CA LYS A 24 19.95 -1.91 -8.86
C LYS A 24 20.07 -2.88 -7.70
N ALA A 25 20.64 -2.44 -6.58
CA ALA A 25 20.77 -3.33 -5.43
C ALA A 25 19.41 -3.66 -4.84
N ALA A 26 18.53 -2.66 -4.74
CA ALA A 26 17.25 -2.86 -4.09
C ALA A 26 16.38 -3.86 -4.86
N ALA A 27 16.45 -3.84 -6.19
CA ALA A 27 15.73 -4.78 -7.03
C ALA A 27 16.52 -6.05 -7.32
N ASN A 28 17.76 -6.14 -6.83
CA ASN A 28 18.62 -7.30 -7.02
C ASN A 28 18.81 -7.65 -8.49
N LEU A 29 19.01 -6.62 -9.32
CA LEU A 29 19.20 -6.87 -10.75
C LEU A 29 20.46 -7.69 -11.01
N ASN A 30 21.48 -7.54 -10.18
CA ASN A 30 22.74 -8.26 -10.34
C ASN A 30 22.80 -9.53 -9.52
N GLY A 31 21.64 -10.11 -9.18
CA GLY A 31 21.61 -11.28 -8.33
C GLY A 31 21.62 -12.59 -9.12
N ASP A 32 21.77 -13.69 -8.38
CA ASP A 32 21.70 -15.02 -8.94
C ASP A 32 20.45 -15.15 -9.80
N ALA A 33 20.42 -16.15 -10.68
CA ALA A 33 19.21 -16.47 -11.42
C ALA A 33 18.02 -16.47 -10.45
N GLY A 34 16.94 -15.82 -10.87
CA GLY A 34 15.77 -15.72 -10.01
C GLY A 34 14.53 -15.38 -10.80
N ASN A 35 13.66 -14.57 -10.22
CA ASN A 35 12.42 -14.16 -10.87
C ASN A 35 12.72 -12.88 -11.64
N ALA A 36 13.17 -13.03 -12.88
CA ALA A 36 13.60 -11.87 -13.65
C ALA A 36 12.44 -10.90 -13.89
N ARG A 37 11.25 -11.43 -14.19
CA ARG A 37 10.10 -10.56 -14.46
C ARG A 37 9.77 -9.73 -13.23
N PHE A 38 9.76 -10.36 -12.05
CA PHE A 38 9.45 -9.64 -10.84
C PHE A 38 10.48 -8.55 -10.57
N ARG A 39 11.76 -8.88 -10.75
CA ARG A 39 12.81 -7.88 -10.53
C ARG A 39 12.66 -6.71 -11.51
N GLN A 40 12.32 -7.02 -12.77
CA GLN A 40 12.11 -5.99 -13.78
C GLN A 40 10.99 -5.04 -13.37
N ILE A 41 9.86 -5.59 -12.93
CA ILE A 41 8.73 -4.76 -12.51
C ILE A 41 9.11 -3.92 -11.30
N VAL A 42 9.71 -4.54 -10.28
CA VAL A 42 10.07 -3.80 -9.07
C VAL A 42 11.04 -2.69 -9.38
N HIS A 43 12.07 -2.97 -10.20
CA HIS A 43 13.02 -1.92 -10.53
C HIS A 43 12.35 -0.76 -11.25
N ARG A 44 11.42 -1.04 -12.16
CA ARG A 44 10.75 0.02 -12.90
C ARG A 44 9.90 0.86 -11.97
N LEU A 45 9.12 0.21 -11.10
CA LEU A 45 8.24 0.97 -10.21
C LEU A 45 9.04 1.78 -9.20
N LEU A 46 10.12 1.20 -8.67
CA LEU A 46 10.96 1.92 -7.72
CA LEU A 46 10.96 1.92 -7.72
C LEU A 46 11.67 3.09 -8.39
N SER A 47 12.21 2.86 -9.59
CA SER A 47 12.88 3.94 -10.31
CA SER A 47 12.87 3.94 -10.30
C SER A 47 11.91 5.08 -10.59
N ASP A 48 10.70 4.75 -11.04
CA ASP A 48 9.72 5.78 -11.31
C ASP A 48 9.36 6.55 -10.04
N LEU A 49 9.20 5.83 -8.92
CA LEU A 49 8.89 6.49 -7.65
C LEU A 49 10.01 7.45 -7.25
N PHE A 50 11.26 6.99 -7.32
CA PHE A 50 12.39 7.84 -6.95
C PHE A 50 12.47 9.06 -7.85
N LYS A 51 12.22 8.88 -9.15
CA LYS A 51 12.28 10.02 -10.07
C LYS A 51 11.17 11.02 -9.78
N ALA A 52 9.97 10.53 -9.45
CA ALA A 52 8.87 11.43 -9.10
C ALA A 52 9.17 12.21 -7.83
N ILE A 53 9.74 11.55 -6.82
CA ILE A 53 10.14 12.25 -5.60
C ILE A 53 11.12 13.37 -5.93
N ASP A 54 12.10 13.09 -6.78
CA ASP A 54 13.11 14.07 -7.15
C ASP A 54 12.48 15.22 -7.94
N ASP A 55 11.63 14.90 -8.92
CA ASP A 55 11.09 15.91 -9.82
C ASP A 55 10.13 16.86 -9.10
N LEU A 56 9.28 16.32 -8.23
CA LEU A 56 8.29 17.10 -7.51
CA LEU A 56 8.29 17.11 -7.53
C LEU A 56 8.77 17.56 -6.15
N ASP A 57 10.02 17.28 -5.80
CA ASP A 57 10.58 17.59 -4.48
C ASP A 57 9.63 17.12 -3.38
N ILE A 58 9.26 15.85 -3.46
CA ILE A 58 8.39 15.27 -2.44
C ILE A 58 9.18 15.14 -1.15
N THR A 59 8.69 15.74 -0.07
CA THR A 59 9.45 15.81 1.16
C THR A 59 9.36 14.49 1.93
N PRO A 60 10.29 14.26 2.86
CA PRO A 60 10.13 13.09 3.73
C PRO A 60 8.78 13.07 4.45
N ASP A 61 8.31 14.21 4.96
CA ASP A 61 7.00 14.20 5.61
C ASP A 61 5.92 13.69 4.68
N GLU A 62 5.94 14.14 3.42
CA GLU A 62 4.95 13.69 2.46
C GLU A 62 5.09 12.19 2.20
N VAL A 63 6.33 11.71 2.01
CA VAL A 63 6.55 10.28 1.77
C VAL A 63 6.02 9.45 2.93
N TRP A 64 6.35 9.85 4.17
CA TRP A 64 5.91 9.05 5.31
C TRP A 64 4.40 9.08 5.47
N ALA A 65 3.74 10.16 5.03
CA ALA A 65 2.28 10.18 5.02
C ALA A 65 1.74 9.19 3.99
N GLY A 66 2.42 9.07 2.85
CA GLY A 66 2.04 8.06 1.87
C GLY A 66 2.28 6.65 2.36
N VAL A 67 3.40 6.42 3.06
CA VAL A 67 3.66 5.13 3.69
C VAL A 67 2.58 4.79 4.70
N ASN A 68 2.20 5.77 5.53
CA ASN A 68 1.16 5.54 6.52
C ASN A 68 -0.15 5.23 5.84
N TYR A 69 -0.40 5.87 4.70
CA TYR A 69 -1.63 5.60 3.96
C TYR A 69 -1.67 4.16 3.48
N LEU A 70 -0.54 3.65 2.99
CA LEU A 70 -0.51 2.24 2.57
C LEU A 70 -0.80 1.30 3.73
N ASN A 71 -0.31 1.62 4.94
CA ASN A 71 -0.68 0.79 6.10
C ASN A 71 -2.19 0.79 6.30
N LYS A 72 -2.81 1.97 6.25
CA LYS A 72 -4.25 2.05 6.47
C LYS A 72 -5.02 1.35 5.36
N LEU A 73 -4.55 1.50 4.12
CA LEU A 73 -5.24 0.90 2.98
C LEU A 73 -5.35 -0.60 3.14
N GLY A 74 -4.25 -1.25 3.53
CA GLY A 74 -4.27 -2.69 3.71
C GLY A 74 -4.97 -3.13 4.97
N GLN A 75 -4.82 -2.34 6.06
CA GLN A 75 -5.57 -2.64 7.27
C GLN A 75 -7.08 -2.62 6.99
N ASP A 76 -7.54 -1.68 6.17
CA ASP A 76 -8.94 -1.61 5.78
C ASP A 76 -9.32 -2.64 4.72
N GLY A 77 -8.34 -3.34 4.15
CA GLY A 77 -8.63 -4.30 3.10
C GLY A 77 -9.16 -3.68 1.83
N GLU A 78 -8.74 -2.46 1.51
CA GLU A 78 -9.36 -1.66 0.47
C GLU A 78 -8.49 -1.45 -0.76
N ALA A 79 -7.37 -2.15 -0.91
CA ALA A 79 -6.51 -1.88 -2.07
C ALA A 79 -7.26 -2.04 -3.39
N ALA A 80 -8.15 -3.04 -3.49
CA ALA A 80 -8.89 -3.24 -4.74
C ALA A 80 -10.00 -2.22 -4.93
N LEU A 81 -10.53 -1.67 -3.84
CA LEU A 81 -11.49 -0.58 -3.96
C LEU A 81 -10.81 0.67 -4.46
N LEU A 82 -9.61 0.96 -3.95
CA LEU A 82 -8.84 2.08 -4.47
C LEU A 82 -8.50 1.85 -5.95
N ALA A 83 -8.14 0.62 -6.33
CA ALA A 83 -7.84 0.35 -7.72
C ALA A 83 -8.99 0.76 -8.62
N ALA A 84 -10.23 0.53 -8.17
CA ALA A 84 -11.39 0.99 -8.91
C ALA A 84 -11.49 2.52 -8.90
N GLY A 85 -11.34 3.13 -7.72
CA GLY A 85 -11.61 4.56 -7.58
C GLY A 85 -10.62 5.47 -8.27
N ILE A 86 -9.38 5.01 -8.48
CA ILE A 86 -8.36 5.80 -9.16
C ILE A 86 -8.28 5.45 -10.62
N GLY A 87 -9.19 4.61 -11.11
CA GLY A 87 -9.27 4.35 -12.53
C GLY A 87 -8.35 3.26 -13.02
N LEU A 88 -7.57 2.64 -12.15
CA LEU A 88 -6.71 1.55 -12.58
C LEU A 88 -7.52 0.39 -13.14
N GLU A 89 -8.63 0.04 -12.49
CA GLU A 89 -9.43 -1.08 -12.98
C GLU A 89 -9.99 -0.78 -14.37
N LYS A 90 -10.50 0.43 -14.58
CA LYS A 90 -10.96 0.81 -15.91
C LYS A 90 -9.81 0.78 -16.91
N TYR A 91 -8.62 1.23 -16.50
CA TYR A 91 -7.48 1.23 -17.40
C TYR A 91 -7.17 -0.18 -17.90
N LEU A 92 -7.29 -1.19 -17.03
CA LEU A 92 -7.07 -2.55 -17.50
C LEU A 92 -8.06 -2.90 -18.60
N ASP A 93 -9.32 -2.48 -18.46
CA ASP A 93 -10.31 -2.69 -19.52
C ASP A 93 -9.95 -1.95 -20.79
N ILE A 94 -9.44 -0.72 -20.68
CA ILE A 94 -9.00 0.03 -21.86
C ILE A 94 -7.97 -0.76 -22.64
N ARG A 95 -7.00 -1.35 -21.93
CA ARG A 95 -5.96 -2.09 -22.62
C ARG A 95 -6.50 -3.38 -23.25
N MET A 96 -7.43 -4.06 -22.56
CA MET A 96 -8.05 -5.24 -23.16
C MET A 96 -8.89 -4.87 -24.37
N ASP A 97 -9.64 -3.76 -24.29
CA ASP A 97 -10.44 -3.32 -25.43
C ASP A 97 -9.54 -2.99 -26.62
N ALA A 98 -8.39 -2.36 -26.36
CA ALA A 98 -7.50 -2.02 -27.46
C ALA A 98 -6.95 -3.27 -28.14
N ALA A 99 -6.68 -4.32 -27.35
CA ALA A 99 -6.22 -5.56 -27.96
C ALA A 99 -7.31 -6.17 -28.84
N ASP A 100 -8.55 -6.20 -28.33
CA ASP A 100 -9.65 -6.74 -29.12
C ASP A 100 -9.87 -5.94 -30.40
N ARG A 101 -9.79 -4.61 -30.32
CA ARG A 101 -9.97 -3.78 -31.49
C ARG A 101 -8.87 -4.05 -32.52
N ALA A 102 -7.63 -4.18 -32.07
CA ALA A 102 -6.55 -4.47 -33.00
C ALA A 102 -6.71 -5.84 -33.65
N ALA A 103 -7.36 -6.77 -32.96
CA ALA A 103 -7.62 -8.09 -33.51
C ALA A 103 -8.82 -8.14 -34.42
N GLY A 104 -9.56 -7.03 -34.55
CA GLY A 104 -10.70 -6.98 -35.45
C GLY A 104 -11.98 -7.49 -34.85
N LEU A 105 -12.07 -7.58 -33.52
CA LEU A 105 -13.26 -8.06 -32.86
C LEU A 105 -14.27 -6.92 -32.74
N ASP A 106 -15.52 -7.21 -33.06
CA ASP A 106 -16.63 -6.33 -32.76
C ASP A 106 -17.85 -7.20 -32.50
N GLY A 107 -18.92 -6.58 -32.05
CA GLY A 107 -20.18 -7.27 -31.92
C GLY A 107 -20.43 -7.95 -30.60
N GLY A 108 -19.43 -8.06 -29.72
CA GLY A 108 -19.69 -8.59 -28.40
C GLY A 108 -20.22 -7.54 -27.45
N THR A 109 -20.93 -7.98 -26.42
CA THR A 109 -21.35 -7.08 -25.36
C THR A 109 -20.10 -6.46 -24.72
N PRO A 110 -20.04 -5.14 -24.55
CA PRO A 110 -18.82 -4.55 -24.00
C PRO A 110 -18.53 -5.05 -22.59
N ARG A 111 -17.23 -5.21 -22.31
CA ARG A 111 -16.79 -5.51 -20.96
C ARG A 111 -16.90 -4.27 -20.09
N THR A 112 -17.01 -4.48 -18.79
CA THR A 112 -16.67 -3.41 -17.86
C THR A 112 -16.09 -4.03 -16.59
N ILE A 113 -15.84 -3.19 -15.59
CA ILE A 113 -15.02 -3.63 -14.47
C ILE A 113 -15.80 -4.61 -13.60
N GLU A 114 -15.07 -5.58 -13.06
CA GLU A 114 -15.62 -6.54 -12.10
C GLU A 114 -15.99 -5.87 -10.78
N GLY A 115 -15.16 -4.94 -10.31
CA GLY A 115 -15.26 -4.46 -8.96
C GLY A 115 -14.76 -5.49 -7.97
N PRO A 116 -14.74 -5.14 -6.68
CA PRO A 116 -14.09 -6.01 -5.68
C PRO A 116 -15.03 -6.93 -4.91
N LEU A 117 -16.29 -7.09 -5.32
CA LEU A 117 -17.28 -7.70 -4.46
C LEU A 117 -17.87 -9.00 -4.98
N TYR A 118 -17.22 -9.67 -5.92
CA TYR A 118 -17.67 -11.00 -6.31
C TYR A 118 -17.48 -11.98 -5.16
N VAL A 119 -18.41 -12.93 -5.03
CA VAL A 119 -18.29 -14.02 -4.06
C VAL A 119 -18.52 -15.32 -4.83
N ALA A 120 -17.53 -16.21 -4.78
CA ALA A 120 -17.60 -17.48 -5.48
C ALA A 120 -18.49 -18.48 -4.72
N GLY A 121 -19.10 -19.38 -5.48
CA GLY A 121 -19.81 -20.51 -4.91
C GLY A 121 -21.33 -20.46 -4.93
N ALA A 122 -21.93 -19.49 -5.62
CA ALA A 122 -23.39 -19.40 -5.60
C ALA A 122 -23.99 -20.63 -6.27
N PRO A 123 -25.10 -21.15 -5.76
CA PRO A 123 -25.71 -22.32 -6.39
C PRO A 123 -26.20 -21.98 -7.79
N VAL A 124 -26.11 -22.96 -8.68
CA VAL A 124 -26.48 -22.78 -10.08
C VAL A 124 -27.85 -23.41 -10.30
N ARG A 125 -28.76 -22.65 -10.88
CA ARG A 125 -30.09 -23.12 -11.23
C ARG A 125 -30.25 -23.21 -12.75
N ASP A 126 -31.21 -24.03 -13.18
CA ASP A 126 -31.51 -24.15 -14.60
C ASP A 126 -32.55 -23.11 -14.99
N GLY A 127 -32.16 -22.19 -15.86
CA GLY A 127 -33.10 -21.26 -16.50
C GLY A 127 -33.54 -20.05 -15.72
N VAL A 128 -33.90 -20.24 -14.44
CA VAL A 128 -34.46 -19.18 -13.63
CA VAL A 128 -34.48 -19.18 -13.63
C VAL A 128 -33.97 -19.34 -12.20
N ALA A 129 -33.63 -18.22 -11.57
CA ALA A 129 -33.22 -18.22 -10.18
C ALA A 129 -33.84 -17.05 -9.45
N LYS A 130 -34.42 -17.30 -8.28
CA LYS A 130 -34.85 -16.26 -7.37
C LYS A 130 -33.73 -16.01 -6.38
N ILE A 131 -33.20 -14.80 -6.37
CA ILE A 131 -31.96 -14.52 -5.64
C ILE A 131 -32.13 -13.59 -4.46
N ASP A 132 -33.31 -13.00 -4.23
CA ASP A 132 -33.51 -12.19 -3.04
C ASP A 132 -33.97 -13.10 -1.91
N LEU A 133 -33.03 -13.42 -1.03
CA LEU A 133 -33.29 -14.30 0.10
C LEU A 133 -33.69 -13.53 1.36
N ASP A 134 -33.29 -12.27 1.47
CA ASP A 134 -33.62 -11.44 2.62
C ASP A 134 -34.62 -10.36 2.25
N ASP A 135 -35.59 -10.15 3.12
CA ASP A 135 -36.58 -9.10 2.89
C ASP A 135 -35.90 -7.73 2.90
N ASP A 136 -36.43 -6.85 2.05
CA ASP A 136 -35.90 -5.49 1.91
C ASP A 136 -37.08 -4.61 1.49
N ALA A 137 -37.75 -4.04 2.48
CA ALA A 137 -39.01 -3.35 2.24
C ALA A 137 -38.85 -2.21 1.24
N ASP A 138 -37.71 -1.53 1.26
CA ASP A 138 -37.51 -0.34 0.45
C ASP A 138 -37.13 -0.64 -0.99
N ALA A 139 -36.90 -1.91 -1.34
CA ALA A 139 -36.53 -2.29 -2.71
C ALA A 139 -37.69 -3.00 -3.38
N GLY A 140 -38.10 -2.50 -4.55
CA GLY A 140 -39.17 -3.14 -5.30
C GLY A 140 -38.70 -4.34 -6.09
N PRO A 141 -39.65 -5.17 -6.52
CA PRO A 141 -39.28 -6.39 -7.26
C PRO A 141 -38.80 -6.08 -8.67
N LEU A 142 -37.85 -6.91 -9.12
CA LEU A 142 -37.17 -6.73 -10.40
C LEU A 142 -36.94 -8.09 -11.03
N VAL A 143 -37.36 -8.25 -12.29
CA VAL A 143 -36.97 -9.39 -13.11
C VAL A 143 -35.91 -8.92 -14.09
N ILE A 144 -34.80 -9.65 -14.15
CA ILE A 144 -33.75 -9.45 -15.15
C ILE A 144 -33.78 -10.69 -16.03
N ARG A 145 -33.96 -10.52 -17.33
CA ARG A 145 -33.97 -11.68 -18.21
CA ARG A 145 -34.00 -11.67 -18.23
C ARG A 145 -33.34 -11.30 -19.54
N GLY A 146 -32.93 -12.31 -20.28
CA GLY A 146 -32.33 -12.07 -21.57
C GLY A 146 -31.95 -13.36 -22.24
N THR A 147 -31.35 -13.21 -23.41
CA THR A 147 -30.86 -14.31 -24.21
C THR A 147 -29.36 -14.12 -24.40
N VAL A 148 -28.61 -15.22 -24.27
CA VAL A 148 -27.17 -15.23 -24.53
C VAL A 148 -26.96 -15.82 -25.91
N THR A 149 -26.21 -15.11 -26.76
CA THR A 149 -25.83 -15.57 -28.08
C THR A 149 -24.32 -15.43 -28.24
N GLY A 150 -23.80 -16.03 -29.31
CA GLY A 150 -22.47 -15.72 -29.80
C GLY A 150 -22.50 -14.63 -30.84
N THR A 151 -21.31 -14.21 -31.28
CA THR A 151 -21.25 -13.15 -32.28
C THR A 151 -21.79 -13.58 -33.64
N ASP A 152 -22.04 -14.87 -33.84
CA ASP A 152 -22.73 -15.32 -35.05
C ASP A 152 -24.24 -15.26 -34.93
N GLY A 153 -24.78 -14.77 -33.81
CA GLY A 153 -26.19 -14.64 -33.59
C GLY A 153 -26.88 -15.87 -33.02
N LYS A 154 -26.19 -17.00 -32.90
CA LYS A 154 -26.87 -18.22 -32.47
C LYS A 154 -26.97 -18.27 -30.96
N PRO A 155 -28.13 -18.68 -30.42
CA PRO A 155 -28.26 -18.79 -28.96
C PRO A 155 -27.29 -19.84 -28.40
N LEU A 156 -26.78 -19.57 -27.21
CA LEU A 156 -25.90 -20.48 -26.49
C LEU A 156 -26.69 -21.15 -25.37
N ALA A 157 -26.90 -22.46 -25.51
CA ALA A 157 -27.57 -23.25 -24.49
C ALA A 157 -26.56 -23.73 -23.46
N GLY A 158 -26.98 -23.76 -22.19
CA GLY A 158 -26.09 -24.19 -21.13
C GLY A 158 -25.01 -23.21 -20.75
N ALA A 159 -25.07 -21.98 -21.25
CA ALA A 159 -24.13 -20.95 -20.82
C ALA A 159 -24.42 -20.57 -19.37
N LEU A 160 -23.38 -20.15 -18.65
CA LEU A 160 -23.49 -19.82 -17.25
C LEU A 160 -23.55 -18.31 -17.10
N VAL A 161 -24.67 -17.81 -16.58
CA VAL A 161 -24.89 -16.37 -16.35
C VAL A 161 -24.93 -16.18 -14.85
N GLU A 162 -24.01 -15.37 -14.33
CA GLU A 162 -23.90 -15.09 -12.91
CA GLU A 162 -23.93 -15.09 -12.91
C GLU A 162 -24.09 -13.59 -12.70
N CYS A 163 -24.84 -13.23 -11.65
CA CYS A 163 -24.98 -11.82 -11.31
C CYS A 163 -24.83 -11.60 -9.82
N TRP A 164 -24.51 -10.36 -9.47
CA TRP A 164 -24.49 -9.95 -8.07
C TRP A 164 -24.77 -8.45 -8.01
N HIS A 165 -25.46 -8.02 -6.96
CA HIS A 165 -25.81 -6.62 -6.83
C HIS A 165 -26.17 -6.28 -5.38
N ALA A 166 -26.35 -4.99 -5.13
CA ALA A 166 -26.56 -4.44 -3.80
C ALA A 166 -28.04 -4.40 -3.44
N ASN A 167 -28.30 -4.27 -2.13
CA ASN A 167 -29.64 -4.08 -1.60
C ASN A 167 -30.00 -2.60 -1.59
N SER A 168 -31.13 -2.27 -0.94
CA SER A 168 -31.63 -0.90 -0.96
C SER A 168 -30.78 0.04 -0.14
N LYS A 169 -29.93 -0.50 0.72
CA LYS A 169 -29.00 0.27 1.53
C LYS A 169 -27.63 0.36 0.91
N GLY A 170 -27.44 -0.20 -0.28
CA GLY A 170 -26.19 -0.14 -0.98
C GLY A 170 -25.20 -1.22 -0.58
N PHE A 171 -25.64 -2.26 0.10
CA PHE A 171 -24.77 -3.28 0.65
C PHE A 171 -24.97 -4.62 -0.04
N TYR A 172 -23.87 -5.33 -0.23
CA TYR A 172 -23.85 -6.65 -0.82
C TYR A 172 -23.70 -7.69 0.28
N SER A 173 -24.30 -8.86 0.05
CA SER A 173 -24.06 -9.97 0.95
C SER A 173 -22.56 -10.26 1.00
N HIS A 174 -22.09 -10.64 2.19
CA HIS A 174 -20.70 -10.95 2.52
C HIS A 174 -19.89 -9.69 2.75
N PHE A 175 -20.47 -8.50 2.54
CA PHE A 175 -19.77 -7.22 2.71
C PHE A 175 -20.67 -6.19 3.39
N ASP A 176 -21.61 -6.64 4.22
CA ASP A 176 -22.57 -5.74 4.83
C ASP A 176 -22.12 -5.43 6.25
N PRO A 177 -21.74 -4.19 6.56
CA PRO A 177 -21.23 -3.87 7.90
C PRO A 177 -22.31 -3.71 8.95
N THR A 178 -23.59 -3.65 8.57
CA THR A 178 -24.68 -3.48 9.53
C THR A 178 -25.23 -4.81 10.04
N GLY A 179 -24.72 -5.94 9.55
CA GLY A 179 -25.22 -7.22 9.99
C GLY A 179 -25.16 -8.21 8.84
N ALA A 180 -24.83 -9.47 9.13
CA ALA A 180 -24.66 -10.44 8.07
C ALA A 180 -25.98 -10.67 7.34
N GLN A 181 -25.91 -10.69 6.01
CA GLN A 181 -27.01 -11.13 5.17
C GLN A 181 -26.98 -12.64 5.05
N THR A 182 -28.08 -13.22 4.59
CA THR A 182 -28.05 -14.62 4.20
C THR A 182 -26.99 -14.81 3.13
N ALA A 183 -26.24 -15.91 3.23
CA ALA A 183 -25.24 -16.22 2.23
C ALA A 183 -25.86 -16.16 0.85
N PHE A 184 -25.17 -15.47 -0.06
CA PHE A 184 -25.56 -15.35 -1.46
C PHE A 184 -26.84 -14.57 -1.68
N ASN A 185 -27.26 -13.76 -0.71
CA ASN A 185 -28.35 -12.84 -0.97
C ASN A 185 -27.98 -11.93 -2.14
N LEU A 186 -28.89 -11.82 -3.10
CA LEU A 186 -28.71 -10.99 -4.30
C LEU A 186 -27.52 -11.44 -5.14
N ARG A 187 -27.23 -12.74 -5.12
CA ARG A 187 -26.18 -13.36 -5.92
C ARG A 187 -26.73 -14.65 -6.50
N GLY A 188 -26.55 -14.86 -7.79
CA GLY A 188 -27.08 -16.08 -8.35
C GLY A 188 -26.38 -16.45 -9.64
N ALA A 189 -26.66 -17.67 -10.07
CA ALA A 189 -26.09 -18.24 -11.28
C ALA A 189 -27.15 -19.09 -11.93
N VAL A 190 -27.28 -18.95 -13.24
CA VAL A 190 -28.27 -19.66 -14.04
C VAL A 190 -27.57 -20.26 -15.25
N ARG A 191 -27.91 -21.51 -15.58
CA ARG A 191 -27.55 -22.10 -16.87
C ARG A 191 -28.67 -21.80 -17.85
N THR A 192 -28.31 -21.24 -19.01
CA THR A 192 -29.33 -20.85 -19.98
C THR A 192 -30.02 -22.09 -20.51
N ASP A 193 -31.27 -21.90 -20.93
CA ASP A 193 -32.08 -22.97 -21.48
C ASP A 193 -31.69 -23.22 -22.93
N ALA A 194 -32.43 -24.10 -23.62
CA ALA A 194 -32.05 -24.48 -24.97
C ALA A 194 -32.11 -23.32 -25.95
N ASN A 195 -32.87 -22.26 -25.63
CA ASN A 195 -32.96 -21.09 -26.48
C ASN A 195 -32.08 -19.95 -26.00
N GLY A 196 -31.14 -20.24 -25.10
CA GLY A 196 -30.22 -19.25 -24.61
C GLY A 196 -30.75 -18.35 -23.53
N LYS A 197 -31.91 -18.64 -22.97
CA LYS A 197 -32.56 -17.71 -22.05
C LYS A 197 -32.12 -17.94 -20.61
N TYR A 198 -31.96 -16.82 -19.89
CA TYR A 198 -31.74 -16.81 -18.46
C TYR A 198 -32.74 -15.83 -17.83
N GLU A 199 -32.99 -16.01 -16.53
CA GLU A 199 -33.86 -15.10 -15.80
C GLU A 199 -33.50 -15.11 -14.32
N PHE A 200 -33.41 -13.90 -13.75
CA PHE A 200 -33.25 -13.70 -12.32
C PHE A 200 -34.47 -12.95 -11.79
N ARG A 201 -35.00 -13.41 -10.67
CA ARG A 201 -36.05 -12.70 -9.96
C ARG A 201 -35.42 -12.17 -8.69
N THR A 202 -35.42 -10.85 -8.56
CA THR A 202 -34.62 -10.19 -7.53
C THR A 202 -35.36 -8.93 -7.08
N LEU A 203 -34.62 -8.04 -6.44
CA LEU A 203 -35.10 -6.72 -6.04
C LEU A 203 -34.18 -5.67 -6.67
N MET A 204 -34.69 -4.45 -6.75
CA MET A 204 -33.97 -3.38 -7.45
C MET A 204 -32.77 -2.90 -6.64
N PRO A 205 -31.56 -2.85 -7.21
CA PRO A 205 -30.43 -2.31 -6.47
C PRO A 205 -30.46 -0.80 -6.38
N VAL A 206 -29.74 -0.30 -5.38
CA VAL A 206 -29.44 1.11 -5.23
CA VAL A 206 -29.44 1.12 -5.30
C VAL A 206 -27.92 1.26 -5.26
N GLY A 207 -27.45 2.42 -5.69
CA GLY A 207 -26.05 2.72 -5.70
C GLY A 207 -25.52 2.85 -4.29
N TYR A 208 -24.22 3.09 -4.18
CA TYR A 208 -23.61 3.06 -2.87
C TYR A 208 -22.32 3.85 -2.91
N GLY A 209 -21.81 4.16 -1.72
CA GLY A 209 -20.55 4.85 -1.56
C GLY A 209 -19.51 3.98 -0.88
N CYS A 210 -18.28 4.51 -0.85
CA CYS A 210 -17.18 3.86 -0.17
C CYS A 210 -17.39 3.91 1.34
N PRO A 211 -16.77 3.00 2.09
CA PRO A 211 -16.80 3.10 3.56
C PRO A 211 -16.31 4.45 4.01
N PRO A 212 -17.13 5.23 4.73
CA PRO A 212 -16.81 6.66 4.93
CA PRO A 212 -16.80 6.66 4.92
C PRO A 212 -15.49 6.91 5.64
N GLN A 213 -15.11 6.05 6.58
CA GLN A 213 -13.87 6.24 7.33
CA GLN A 213 -13.87 6.23 7.34
C GLN A 213 -12.70 5.46 6.73
N GLY A 214 -12.89 4.82 5.60
CA GLY A 214 -11.87 3.98 5.02
C GLY A 214 -10.87 4.73 4.18
N ALA A 215 -9.82 3.98 3.79
CA ALA A 215 -8.69 4.58 3.08
C ALA A 215 -9.10 5.14 1.72
N THR A 216 -9.96 4.43 0.98
CA THR A 216 -10.32 4.93 -0.35
C THR A 216 -11.01 6.29 -0.25
N GLN A 217 -12.01 6.39 0.62
CA GLN A 217 -12.69 7.67 0.79
C GLN A 217 -11.77 8.75 1.34
N GLN A 218 -10.80 8.39 2.18
CA GLN A 218 -9.85 9.39 2.67
C GLN A 218 -9.07 10.02 1.51
N LEU A 219 -8.58 9.18 0.60
CA LEU A 219 -7.87 9.70 -0.56
C LEU A 219 -8.79 10.51 -1.46
N LEU A 220 -10.01 10.03 -1.70
CA LEU A 220 -10.94 10.79 -2.53
C LEU A 220 -11.26 12.14 -1.89
N ASN A 221 -11.44 12.17 -0.58
CA ASN A 221 -11.68 13.45 0.09
C ASN A 221 -10.53 14.40 -0.16
N GLY A 222 -9.29 13.87 -0.09
CA GLY A 222 -8.14 14.73 -0.33
C GLY A 222 -8.10 15.27 -1.75
N LEU A 223 -8.63 14.52 -2.70
CA LEU A 223 -8.70 14.97 -4.08
C LEU A 223 -9.90 15.85 -4.36
N GLY A 224 -10.87 15.91 -3.45
CA GLY A 224 -12.10 16.63 -3.69
C GLY A 224 -13.14 15.86 -4.48
N ARG A 225 -13.07 14.53 -4.47
CA ARG A 225 -13.93 13.68 -5.26
C ARG A 225 -14.90 12.91 -4.38
N HIS A 226 -16.08 12.61 -4.92
CA HIS A 226 -17.01 11.70 -4.25
C HIS A 226 -16.61 10.25 -4.53
N GLY A 227 -17.13 9.35 -3.69
CA GLY A 227 -16.85 7.92 -3.80
C GLY A 227 -18.09 7.09 -4.04
N ASN A 228 -19.01 7.58 -4.86
CA ASN A 228 -20.30 6.95 -5.07
C ASN A 228 -20.39 6.30 -6.45
N ARG A 229 -21.21 5.25 -6.52
CA ARG A 229 -21.52 4.57 -7.75
CA ARG A 229 -21.52 4.57 -7.75
C ARG A 229 -23.01 4.60 -8.01
N PRO A 230 -23.43 4.75 -9.26
CA PRO A 230 -24.85 4.61 -9.57
C PRO A 230 -25.27 3.15 -9.47
N ALA A 231 -26.57 2.92 -9.39
CA ALA A 231 -27.08 1.55 -9.26
C ALA A 231 -26.75 0.72 -10.49
N HIS A 232 -26.39 -0.54 -10.25
CA HIS A 232 -25.93 -1.43 -11.31
C HIS A 232 -26.06 -2.89 -10.85
N VAL A 233 -25.97 -3.78 -11.84
CA VAL A 233 -25.94 -5.23 -11.61
C VAL A 233 -24.71 -5.78 -12.34
N HIS A 234 -23.90 -6.55 -11.63
CA HIS A 234 -22.71 -7.17 -12.19
C HIS A 234 -23.02 -8.52 -12.84
N PHE A 235 -22.25 -8.86 -13.88
CA PHE A 235 -22.39 -10.14 -14.55
C PHE A 235 -21.04 -10.76 -14.88
N PHE A 236 -20.95 -12.09 -14.70
CA PHE A 236 -19.99 -12.94 -15.40
C PHE A 236 -20.81 -13.82 -16.32
N VAL A 237 -20.38 -13.99 -17.56
CA VAL A 237 -21.09 -14.86 -18.49
C VAL A 237 -20.05 -15.72 -19.20
N SER A 238 -20.30 -17.01 -19.28
CA SER A 238 -19.36 -17.91 -19.92
C SER A 238 -20.11 -19.03 -20.63
N GLY A 239 -19.41 -19.67 -21.55
CA GLY A 239 -20.00 -20.80 -22.25
C GLY A 239 -18.98 -21.54 -23.08
N ASP A 240 -19.23 -22.82 -23.34
CA ASP A 240 -18.31 -23.60 -24.13
C ASP A 240 -18.06 -22.92 -25.47
N GLY A 241 -16.78 -22.89 -25.87
CA GLY A 241 -16.41 -22.27 -27.12
C GLY A 241 -16.23 -20.78 -27.08
N HIS A 242 -16.41 -20.13 -25.93
CA HIS A 242 -16.44 -18.67 -25.86
C HIS A 242 -15.62 -18.18 -24.68
N ARG A 243 -15.18 -16.93 -24.79
CA ARG A 243 -14.44 -16.29 -23.71
C ARG A 243 -15.40 -15.92 -22.57
N LYS A 244 -14.83 -15.78 -21.38
CA LYS A 244 -15.60 -15.32 -20.24
C LYS A 244 -15.76 -13.81 -20.30
N LEU A 245 -17.00 -13.35 -20.23
CA LEU A 245 -17.33 -11.92 -20.25
C LEU A 245 -17.55 -11.42 -18.83
N THR A 246 -16.89 -10.30 -18.50
CA THR A 246 -17.17 -9.54 -17.30
C THR A 246 -17.85 -8.25 -17.73
N THR A 247 -19.07 -8.03 -17.25
CA THR A 247 -19.82 -6.85 -17.68
C THR A 247 -20.75 -6.44 -16.55
N GLN A 248 -21.60 -5.46 -16.85
CA GLN A 248 -22.62 -4.99 -15.92
C GLN A 248 -23.69 -4.29 -16.73
N PHE A 249 -24.79 -3.97 -16.08
CA PHE A 249 -25.63 -2.91 -16.60
C PHE A 249 -25.97 -1.93 -15.50
N ASN A 250 -26.26 -0.72 -15.91
CA ASN A 250 -26.68 0.36 -15.04
C ASN A 250 -28.18 0.57 -15.13
N ILE A 251 -28.77 0.93 -13.99
CA ILE A 251 -30.18 1.29 -13.92
C ILE A 251 -30.37 2.66 -14.55
N GLU A 252 -31.20 2.73 -15.59
CA GLU A 252 -31.36 3.99 -16.30
C GLU A 252 -31.98 5.05 -15.37
N GLY A 253 -31.60 6.30 -15.59
CA GLY A 253 -32.16 7.39 -14.83
C GLY A 253 -31.48 7.69 -13.51
N ASP A 254 -30.49 6.90 -13.11
CA ASP A 254 -29.75 7.21 -11.88
C ASP A 254 -29.00 8.53 -12.07
N PRO A 255 -29.08 9.48 -11.14
CA PRO A 255 -28.40 10.76 -11.37
C PRO A 255 -26.88 10.66 -11.46
N LEU A 256 -26.28 9.57 -10.97
CA LEU A 256 -24.83 9.38 -11.03
C LEU A 256 -24.40 8.49 -12.18
N ILE A 257 -25.30 8.20 -13.11
CA ILE A 257 -25.02 7.16 -14.09
C ILE A 257 -23.76 7.47 -14.89
N TRP A 258 -23.50 8.74 -15.19
CA TRP A 258 -22.29 9.16 -15.90
C TRP A 258 -21.28 9.85 -14.99
N ASP A 259 -21.35 9.59 -13.69
CA ASP A 259 -20.41 10.14 -12.72
C ASP A 259 -20.01 9.08 -11.70
N ASP A 260 -19.82 7.85 -12.18
CA ASP A 260 -19.35 6.75 -11.36
C ASP A 260 -17.92 7.03 -10.90
N PHE A 261 -17.67 6.89 -9.60
CA PHE A 261 -16.31 7.11 -9.12
C PHE A 261 -15.33 6.07 -9.63
N ALA A 262 -15.82 4.96 -10.19
CA ALA A 262 -14.99 3.89 -10.75
C ALA A 262 -15.04 3.85 -12.27
N TYR A 263 -15.69 4.82 -12.91
CA TYR A 263 -15.55 5.04 -14.35
C TYR A 263 -16.06 3.89 -15.20
N ALA A 264 -17.10 3.18 -14.75
CA ALA A 264 -17.49 1.91 -15.33
C ALA A 264 -18.62 1.98 -16.33
N THR A 265 -19.34 3.09 -16.43
CA THR A 265 -20.52 3.12 -17.27
C THR A 265 -20.16 3.07 -18.74
N ARG A 266 -20.96 2.33 -19.52
CA ARG A 266 -20.84 2.32 -20.97
C ARG A 266 -22.22 2.43 -21.60
N GLU A 267 -22.33 3.15 -22.72
CA GLU A 267 -23.64 3.51 -23.23
C GLU A 267 -24.46 2.32 -23.69
N GLU A 268 -23.82 1.22 -24.11
CA GLU A 268 -24.52 0.03 -24.57
C GLU A 268 -25.03 -0.83 -23.41
N LEU A 269 -24.72 -0.44 -22.18
CA LEU A 269 -25.01 -1.22 -20.98
C LEU A 269 -25.99 -0.47 -20.09
N ILE A 270 -26.96 0.21 -20.69
CA ILE A 270 -28.01 0.93 -19.98
C ILE A 270 -29.35 0.52 -20.60
N PRO A 271 -29.89 -0.63 -20.22
CA PRO A 271 -31.15 -1.10 -20.84
C PRO A 271 -32.35 -0.33 -20.32
N HIS A 272 -33.45 -0.41 -21.06
CA HIS A 272 -34.70 0.21 -20.64
CA HIS A 272 -34.65 0.25 -20.58
C HIS A 272 -35.35 -0.62 -19.54
N VAL A 273 -36.02 0.05 -18.61
CA VAL A 273 -36.76 -0.58 -17.52
C VAL A 273 -38.24 -0.48 -17.85
N VAL A 274 -38.94 -1.61 -17.81
CA VAL A 274 -40.35 -1.69 -18.17
C VAL A 274 -41.18 -2.00 -16.93
N ASP A 275 -42.32 -1.33 -16.81
CA ASP A 275 -43.25 -1.63 -15.73
C ASP A 275 -44.19 -2.76 -16.16
N LYS A 276 -44.33 -3.76 -15.29
CA LYS A 276 -45.09 -4.97 -15.57
C LYS A 276 -46.09 -5.25 -14.44
N THR A 277 -47.07 -6.08 -14.77
CA THR A 277 -47.99 -6.66 -13.80
C THR A 277 -47.94 -8.18 -13.92
N GLY A 278 -48.63 -8.86 -13.01
CA GLY A 278 -48.61 -10.30 -12.94
C GLY A 278 -47.55 -10.87 -12.03
N GLY A 279 -46.97 -10.04 -11.15
CA GLY A 279 -45.80 -10.45 -10.38
C GLY A 279 -46.04 -11.60 -9.43
N ALA A 280 -47.24 -11.71 -8.86
CA ALA A 280 -47.44 -12.75 -7.85
C ALA A 280 -47.33 -14.14 -8.45
N ALA A 281 -47.77 -14.31 -9.70
CA ALA A 281 -47.69 -15.63 -10.33
C ALA A 281 -46.24 -16.02 -10.62
N LEU A 282 -45.32 -15.06 -10.62
CA LEU A 282 -43.90 -15.31 -10.77
C LEU A 282 -43.20 -15.43 -9.43
N GLY A 283 -43.94 -15.37 -8.33
CA GLY A 283 -43.32 -15.40 -7.02
C GLY A 283 -42.80 -14.08 -6.52
N MET A 284 -43.08 -12.98 -7.21
CA MET A 284 -42.63 -11.67 -6.72
C MET A 284 -43.52 -11.23 -5.56
N LYS A 285 -43.02 -10.28 -4.78
CA LYS A 285 -43.72 -9.85 -3.56
C LYS A 285 -44.85 -8.88 -3.84
N SER A 286 -45.00 -8.42 -5.07
CA SER A 286 -46.15 -7.61 -5.45
C SER A 286 -46.51 -7.88 -6.89
N ASP A 287 -47.75 -7.53 -7.24
CA ASP A 287 -48.24 -7.70 -8.61
C ASP A 287 -47.46 -6.81 -9.57
N ALA A 288 -47.21 -5.56 -9.18
CA ALA A 288 -46.47 -4.63 -10.01
C ALA A 288 -44.99 -4.80 -9.76
N TYR A 289 -44.23 -4.91 -10.84
CA TYR A 289 -42.78 -5.08 -10.74
C TYR A 289 -42.14 -4.48 -11.96
N LYS A 290 -40.81 -4.38 -11.92
CA LYS A 290 -40.03 -3.87 -13.03
C LYS A 290 -39.29 -5.00 -13.73
N GLU A 291 -39.16 -4.89 -15.05
CA GLU A 291 -38.47 -5.88 -15.87
C GLU A 291 -37.39 -5.21 -16.69
N ILE A 292 -36.21 -5.83 -16.73
CA ILE A 292 -35.11 -5.38 -17.57
C ILE A 292 -34.70 -6.54 -18.46
N GLU A 293 -34.76 -6.33 -19.76
CA GLU A 293 -34.30 -7.32 -20.74
C GLU A 293 -32.87 -6.96 -21.14
N PHE A 294 -31.93 -7.82 -20.77
CA PHE A 294 -30.50 -7.59 -20.99
C PHE A 294 -29.96 -8.78 -21.78
N ASP A 295 -29.93 -8.64 -23.09
CA ASP A 295 -29.33 -9.67 -23.94
C ASP A 295 -27.82 -9.53 -23.93
N ILE A 296 -27.14 -10.65 -24.14
CA ILE A 296 -25.70 -10.75 -23.97
C ILE A 296 -25.10 -11.50 -25.15
N VAL A 297 -24.01 -10.97 -25.71
CA VAL A 297 -23.30 -11.59 -26.83
C VAL A 297 -21.88 -11.91 -26.38
N LEU A 298 -21.51 -13.18 -26.47
CA LEU A 298 -20.18 -13.64 -26.11
C LEU A 298 -19.27 -13.71 -27.32
N THR A 299 -17.99 -13.51 -27.08
CA THR A 299 -16.95 -13.59 -28.09
CA THR A 299 -16.97 -13.60 -28.12
C THR A 299 -16.38 -15.00 -28.15
N PRO A 300 -16.18 -15.58 -29.34
CA PRO A 300 -15.62 -16.94 -29.40
C PRO A 300 -14.18 -16.96 -28.91
N LEU A 301 -13.76 -18.13 -28.45
CA LEU A 301 -12.36 -18.38 -28.18
C LEU A 301 -11.56 -18.25 -29.48
N LEU A 302 -10.27 -17.99 -29.33
CA LEU A 302 -9.33 -17.94 -30.44
C LEU A 302 -8.43 -19.17 -30.33
N ASP A 303 -8.58 -20.11 -31.25
CA ASP A 303 -7.79 -21.34 -31.23
C ASP A 303 -7.89 -22.03 -29.88
N GLY A 304 -9.09 -22.01 -29.31
CA GLY A 304 -9.35 -22.65 -28.04
C GLY A 304 -8.93 -21.87 -26.81
N ARG A 305 -8.43 -20.66 -26.97
CA ARG A 305 -7.83 -19.92 -25.87
C ARG A 305 -8.61 -18.65 -25.56
N ASP A 306 -8.66 -18.31 -24.28
CA ASP A 306 -9.28 -17.10 -23.77
C ASP A 306 -8.14 -16.19 -23.29
N ASN A 307 -7.82 -15.16 -24.07
CA ASN A 307 -6.68 -14.30 -23.81
C ASN A 307 -6.97 -13.19 -22.80
N GLN A 308 -8.15 -13.15 -22.19
CA GLN A 308 -8.51 -12.03 -21.34
C GLN A 308 -9.18 -12.40 -20.02
N VAL A 309 -9.32 -13.69 -19.70
CA VAL A 309 -9.85 -14.07 -18.40
C VAL A 309 -8.87 -13.67 -17.31
N VAL A 310 -9.40 -13.17 -16.20
CA VAL A 310 -8.61 -12.59 -15.13
C VAL A 310 -8.71 -13.47 -13.89
N HIS A 311 -7.56 -13.82 -13.34
CA HIS A 311 -7.46 -14.50 -12.05
C HIS A 311 -7.04 -13.45 -11.01
N ARG A 312 -7.90 -13.25 -10.02
CA ARG A 312 -7.58 -12.35 -8.92
C ARG A 312 -8.20 -12.93 -7.67
N PRO A 313 -7.75 -12.52 -6.48
CA PRO A 313 -8.38 -12.98 -5.25
C PRO A 313 -9.85 -12.60 -5.23
N ARG A 314 -10.68 -13.56 -4.85
CA ARG A 314 -12.12 -13.39 -4.75
C ARG A 314 -12.62 -14.11 -3.51
N ALA A 315 -13.56 -13.49 -2.82
CA ALA A 315 -14.18 -14.12 -1.67
C ALA A 315 -14.94 -15.37 -2.10
N SER A 316 -15.26 -16.21 -1.12
CA SER A 316 -16.07 -17.38 -1.34
C SER A 316 -16.95 -17.60 -0.13
N ALA A 317 -17.93 -18.50 -0.29
CA ALA A 317 -18.86 -18.82 0.79
C ALA A 317 -19.58 -20.12 0.43
N ASP A 318 -20.14 -20.75 1.47
CA ASP A 318 -20.81 -22.04 1.29
C ASP A 318 -22.33 -21.88 1.17
N SER B 10 1.47 -6.74 -27.92
CA SER B 10 1.25 -5.79 -26.82
C SER B 10 0.77 -4.44 -27.35
N VAL B 11 -0.30 -3.94 -26.75
CA VAL B 11 -0.85 -2.64 -27.14
C VAL B 11 -0.09 -1.52 -26.44
N LYS B 12 -0.21 -0.32 -26.99
CA LYS B 12 0.27 0.89 -26.34
C LYS B 12 -0.86 1.91 -26.37
N VAL B 13 -1.47 2.13 -25.20
CA VAL B 13 -2.62 3.02 -25.05
C VAL B 13 -2.30 4.26 -24.23
N PHE B 14 -1.13 4.34 -23.59
CA PHE B 14 -0.96 5.36 -22.56
C PHE B 14 -1.14 6.76 -23.13
N ASP B 15 -0.55 7.01 -24.29
CA ASP B 15 -0.59 8.32 -24.92
C ASP B 15 -1.81 8.48 -25.82
N THR B 16 -2.99 8.12 -25.31
CA THR B 16 -4.26 8.38 -25.97
C THR B 16 -5.11 9.31 -25.12
N LYS B 17 -6.02 10.02 -25.78
CA LYS B 17 -6.87 10.98 -25.07
C LYS B 17 -7.72 10.30 -24.02
N GLU B 18 -8.21 9.08 -24.32
CA GLU B 18 -9.05 8.36 -23.36
C GLU B 18 -8.30 8.13 -22.06
N VAL B 19 -7.04 7.71 -22.15
CA VAL B 19 -6.28 7.43 -20.94
C VAL B 19 -5.91 8.72 -20.23
N GLN B 20 -5.48 9.74 -20.99
CA GLN B 20 -5.07 10.99 -20.36
C GLN B 20 -6.26 11.68 -19.70
N ASP B 21 -7.44 11.58 -20.33
CA ASP B 21 -8.66 12.12 -19.70
C ASP B 21 -8.98 11.36 -18.42
N LEU B 22 -8.82 10.04 -18.43
CA LEU B 22 -9.08 9.24 -17.25
C LEU B 22 -8.16 9.64 -16.10
N LEU B 23 -6.88 9.87 -16.41
CA LEU B 23 -5.92 10.28 -15.38
C LEU B 23 -6.28 11.65 -14.80
N LYS B 24 -6.68 12.59 -15.67
CA LYS B 24 -7.08 13.91 -15.19
C LYS B 24 -8.31 13.83 -14.30
N ALA B 25 -9.29 13.00 -14.68
CA ALA B 25 -10.47 12.85 -13.84
C ALA B 25 -10.13 12.18 -12.51
N ALA B 26 -9.32 11.12 -12.55
CA ALA B 26 -9.04 10.36 -11.34
C ALA B 26 -8.31 11.22 -10.30
N ALA B 27 -7.41 12.10 -10.75
CA ALA B 27 -6.72 13.00 -9.85
C ALA B 27 -7.45 14.32 -9.65
N ASN B 28 -8.61 14.50 -10.30
CA ASN B 28 -9.44 15.69 -10.17
C ASN B 28 -8.69 16.98 -10.49
N LEU B 29 -7.88 16.95 -11.56
CA LEU B 29 -7.12 18.14 -11.93
C LEU B 29 -8.04 19.29 -12.33
N ASN B 30 -9.17 18.98 -12.96
CA ASN B 30 -10.12 20.00 -13.40
C ASN B 30 -11.24 20.23 -12.38
N GLY B 31 -11.03 19.82 -11.13
CA GLY B 31 -12.03 20.00 -10.10
C GLY B 31 -12.03 21.42 -9.56
N ASP B 32 -12.93 21.65 -8.60
CA ASP B 32 -12.99 22.94 -7.94
C ASP B 32 -11.76 23.13 -7.06
N ALA B 33 -11.56 24.36 -6.60
CA ALA B 33 -10.41 24.68 -5.76
C ALA B 33 -10.26 23.66 -4.63
N GLY B 34 -9.07 23.07 -4.53
CA GLY B 34 -8.82 22.03 -3.53
C GLY B 34 -7.37 21.97 -3.15
N ASN B 35 -6.86 20.75 -2.94
CA ASN B 35 -5.49 20.51 -2.54
C ASN B 35 -4.69 20.25 -3.81
N ALA B 36 -4.22 21.33 -4.43
CA ALA B 36 -3.54 21.22 -5.71
C ALA B 36 -2.29 20.34 -5.60
N ARG B 37 -1.50 20.53 -4.54
CA ARG B 37 -0.28 19.73 -4.38
C ARG B 37 -0.58 18.24 -4.33
N PHE B 38 -1.56 17.85 -3.51
CA PHE B 38 -1.91 16.45 -3.41
C PHE B 38 -2.37 15.92 -4.77
N ARG B 39 -3.21 16.69 -5.48
CA ARG B 39 -3.68 16.25 -6.78
C ARG B 39 -2.52 16.10 -7.76
N GLN B 40 -1.52 17.00 -7.68
CA GLN B 40 -0.36 16.91 -8.57
C GLN B 40 0.43 15.65 -8.30
N ILE B 41 0.63 15.31 -7.03
CA ILE B 41 1.39 14.11 -6.68
C ILE B 41 0.63 12.87 -7.16
N VAL B 42 -0.66 12.80 -6.85
CA VAL B 42 -1.44 11.64 -7.24
C VAL B 42 -1.45 11.47 -8.75
N HIS B 43 -1.63 12.56 -9.49
CA HIS B 43 -1.63 12.47 -10.95
C HIS B 43 -0.30 11.93 -11.47
N ARG B 44 0.81 12.41 -10.90
CA ARG B 44 2.12 11.95 -11.35
C ARG B 44 2.30 10.46 -11.06
N LEU B 45 1.99 10.03 -9.84
CA LEU B 45 2.18 8.62 -9.49
C LEU B 45 1.27 7.70 -10.31
N LEU B 46 0.01 8.09 -10.49
CA LEU B 46 -0.91 7.30 -11.31
CA LEU B 46 -0.92 7.32 -11.29
C LEU B 46 -0.45 7.25 -12.75
N SER B 47 -0.04 8.39 -13.29
CA SER B 47 0.44 8.43 -14.68
CA SER B 47 0.43 8.42 -14.68
C SER B 47 1.64 7.52 -14.85
N ASP B 48 2.61 7.60 -13.92
CA ASP B 48 3.78 6.74 -14.03
C ASP B 48 3.38 5.26 -13.94
N LEU B 49 2.44 4.94 -13.05
CA LEU B 49 2.01 3.55 -12.93
C LEU B 49 1.34 3.08 -14.22
N PHE B 50 0.43 3.88 -14.77
CA PHE B 50 -0.24 3.49 -16.00
C PHE B 50 0.78 3.32 -17.12
N LYS B 51 1.77 4.22 -17.20
CA LYS B 51 2.77 4.12 -18.25
CA LYS B 51 2.77 4.11 -18.26
C LYS B 51 3.64 2.88 -18.08
N ALA B 52 3.95 2.51 -16.83
CA ALA B 52 4.74 1.31 -16.60
C ALA B 52 3.96 0.06 -16.98
N ILE B 53 2.68 0.03 -16.65
CA ILE B 53 1.82 -1.09 -17.06
C ILE B 53 1.83 -1.22 -18.59
N ASP B 54 1.75 -0.09 -19.29
CA ASP B 54 1.72 -0.10 -20.75
C ASP B 54 3.06 -0.53 -21.32
N ASP B 55 4.16 -0.01 -20.75
CA ASP B 55 5.49 -0.27 -21.31
C ASP B 55 5.93 -1.70 -21.09
N LEU B 56 5.65 -2.26 -19.91
CA LEU B 56 6.06 -3.60 -19.56
CA LEU B 56 6.06 -3.60 -19.56
C LEU B 56 4.97 -4.63 -19.83
N ASP B 57 3.85 -4.21 -20.42
CA ASP B 57 2.70 -5.08 -20.66
C ASP B 57 2.34 -5.88 -19.41
N ILE B 58 2.19 -5.17 -18.30
CA ILE B 58 1.81 -5.82 -17.06
C ILE B 58 0.37 -6.29 -17.18
N THR B 59 0.14 -7.58 -16.95
CA THR B 59 -1.17 -8.17 -17.20
C THR B 59 -2.11 -7.87 -16.05
N PRO B 60 -3.42 -7.97 -16.28
CA PRO B 60 -4.35 -7.84 -15.15
C PRO B 60 -4.04 -8.79 -14.02
N ASP B 61 -3.68 -10.05 -14.30
CA ASP B 61 -3.34 -10.97 -13.21
C ASP B 61 -2.18 -10.42 -12.38
N GLU B 62 -1.15 -9.89 -13.06
CA GLU B 62 -0.03 -9.30 -12.33
C GLU B 62 -0.46 -8.11 -11.50
N VAL B 63 -1.29 -7.22 -12.07
CA VAL B 63 -1.76 -6.05 -11.33
C VAL B 63 -2.53 -6.48 -10.09
N TRP B 64 -3.43 -7.46 -10.22
CA TRP B 64 -4.24 -7.85 -9.07
C TRP B 64 -3.40 -8.55 -8.01
N ALA B 65 -2.30 -9.20 -8.40
CA ALA B 65 -1.37 -9.74 -7.42
C ALA B 65 -0.67 -8.61 -6.67
N GLY B 66 -0.35 -7.51 -7.37
CA GLY B 66 0.21 -6.35 -6.70
C GLY B 66 -0.76 -5.68 -5.76
N VAL B 67 -2.03 -5.57 -6.17
CA VAL B 67 -3.08 -5.04 -5.29
C VAL B 67 -3.21 -5.92 -4.05
N ASN B 68 -3.20 -7.24 -4.23
CA ASN B 68 -3.29 -8.16 -3.11
C ASN B 68 -2.12 -7.97 -2.16
N TYR B 69 -0.94 -7.74 -2.73
CA TYR B 69 0.24 -7.50 -1.89
C TYR B 69 0.06 -6.25 -1.03
N LEU B 70 -0.51 -5.19 -1.60
CA LEU B 70 -0.72 -3.98 -0.80
C LEU B 70 -1.68 -4.25 0.35
N ASN B 71 -2.71 -5.07 0.12
CA ASN B 71 -3.58 -5.43 1.23
C ASN B 71 -2.80 -6.13 2.33
N LYS B 72 -1.93 -7.08 1.94
CA LYS B 72 -1.16 -7.81 2.95
C LYS B 72 -0.16 -6.88 3.65
N LEU B 73 0.47 -5.99 2.89
CA LEU B 73 1.46 -5.07 3.44
C LEU B 73 0.87 -4.25 4.58
N GLY B 74 -0.31 -3.67 4.36
CA GLY B 74 -0.96 -2.87 5.38
C GLY B 74 -1.58 -3.68 6.50
N GLN B 75 -2.13 -4.86 6.17
CA GLN B 75 -2.61 -5.75 7.23
C GLN B 75 -1.47 -6.13 8.19
N ASP B 76 -0.27 -6.35 7.66
CA ASP B 76 0.90 -6.65 8.46
C ASP B 76 1.50 -5.42 9.13
N GLY B 77 1.02 -4.23 8.79
CA GLY B 77 1.56 -3.02 9.36
C GLY B 77 2.99 -2.73 8.95
N GLU B 78 3.39 -3.16 7.75
CA GLU B 78 4.79 -3.19 7.38
C GLU B 78 5.21 -2.19 6.31
N ALA B 79 4.36 -1.22 5.95
CA ALA B 79 4.73 -0.33 4.87
C ALA B 79 6.05 0.40 5.16
N ALA B 80 6.29 0.79 6.41
CA ALA B 80 7.53 1.51 6.73
C ALA B 80 8.73 0.59 6.75
N LEU B 81 8.52 -0.70 7.03
CA LEU B 81 9.60 -1.67 6.93
C LEU B 81 9.98 -1.90 5.48
N LEU B 82 8.98 -2.03 4.60
CA LEU B 82 9.28 -2.11 3.17
C LEU B 82 10.00 -0.85 2.68
N ALA B 83 9.56 0.32 3.14
CA ALA B 83 10.24 1.55 2.74
C ALA B 83 11.74 1.47 3.03
N ALA B 84 12.11 0.92 4.17
CA ALA B 84 13.53 0.73 4.45
C ALA B 84 14.14 -0.32 3.52
N GLY B 85 13.46 -1.45 3.38
CA GLY B 85 14.03 -2.57 2.64
C GLY B 85 14.24 -2.34 1.16
N ILE B 86 13.44 -1.50 0.51
CA ILE B 86 13.65 -1.24 -0.91
C ILE B 86 14.41 0.08 -1.14
N GLY B 87 15.02 0.62 -0.10
CA GLY B 87 15.94 1.71 -0.27
C GLY B 87 15.30 3.08 -0.28
N LEU B 88 13.97 3.16 -0.13
CA LEU B 88 13.32 4.46 -0.13
C LEU B 88 13.77 5.31 1.05
N GLU B 89 13.90 4.70 2.22
CA GLU B 89 14.32 5.48 3.39
C GLU B 89 15.74 6.03 3.20
N LYS B 90 16.66 5.20 2.71
CA LYS B 90 17.99 5.67 2.39
C LYS B 90 17.95 6.78 1.34
N TYR B 91 17.07 6.63 0.34
CA TYR B 91 16.98 7.64 -0.71
C TYR B 91 16.60 8.99 -0.14
N LEU B 92 15.70 9.03 0.85
CA LEU B 92 15.37 10.32 1.45
C LEU B 92 16.60 10.94 2.08
N ASP B 93 17.45 10.12 2.71
CA ASP B 93 18.71 10.62 3.26
C ASP B 93 19.64 11.13 2.17
N ILE B 94 19.73 10.43 1.04
CA ILE B 94 20.54 10.91 -0.08
C ILE B 94 20.11 12.32 -0.49
N ARG B 95 18.80 12.53 -0.58
CA ARG B 95 18.31 13.85 -1.00
CA ARG B 95 18.33 13.85 -1.01
C ARG B 95 18.57 14.90 0.07
N MET B 96 18.41 14.54 1.35
CA MET B 96 18.72 15.48 2.42
C MET B 96 20.21 15.82 2.46
N ASP B 97 21.07 14.82 2.22
CA ASP B 97 22.51 15.07 2.20
C ASP B 97 22.87 15.99 1.04
N ALA B 98 22.24 15.80 -0.12
CA ALA B 98 22.51 16.66 -1.26
C ALA B 98 22.08 18.09 -1.00
N ALA B 99 20.95 18.28 -0.33
CA ALA B 99 20.51 19.63 0.01
C ALA B 99 21.45 20.28 1.02
N ASP B 100 21.92 19.51 1.99
CA ASP B 100 22.86 20.05 2.96
C ASP B 100 24.15 20.47 2.30
N ARG B 101 24.62 19.67 1.35
CA ARG B 101 25.88 20.00 0.69
C ARG B 101 25.75 21.30 -0.09
N ALA B 102 24.62 21.47 -0.79
CA ALA B 102 24.41 22.69 -1.56
C ALA B 102 24.26 23.91 -0.65
N ALA B 103 23.73 23.72 0.56
CA ALA B 103 23.48 24.82 1.48
C ALA B 103 24.63 25.09 2.44
N GLY B 104 25.65 24.23 2.46
CA GLY B 104 26.71 24.36 3.43
C GLY B 104 26.33 23.94 4.83
N LEU B 105 25.30 23.10 4.96
CA LEU B 105 24.85 22.55 6.23
C LEU B 105 25.29 21.10 6.39
N ASP B 106 26.46 20.77 5.85
CA ASP B 106 26.97 19.41 5.82
C ASP B 106 28.15 19.22 6.77
N GLY B 107 28.26 20.06 7.78
CA GLY B 107 29.37 20.03 8.71
C GLY B 107 29.14 19.23 9.99
N GLY B 108 27.96 18.65 10.20
CA GLY B 108 27.69 17.88 11.39
C GLY B 108 27.95 16.38 11.22
N THR B 109 27.78 15.67 12.31
CA THR B 109 27.84 14.21 12.25
C THR B 109 26.89 13.71 11.17
N PRO B 110 27.28 12.72 10.36
CA PRO B 110 26.38 12.25 9.30
C PRO B 110 25.09 11.66 9.84
N ARG B 111 24.02 11.89 9.08
CA ARG B 111 22.73 11.29 9.36
C ARG B 111 22.68 9.86 8.83
N THR B 112 21.77 9.06 9.37
CA THR B 112 21.33 7.88 8.65
C THR B 112 19.87 7.62 9.02
N ILE B 113 19.35 6.48 8.58
CA ILE B 113 17.91 6.30 8.62
C ILE B 113 17.41 6.07 10.04
N GLU B 114 16.20 6.51 10.30
CA GLU B 114 15.55 6.32 11.58
C GLU B 114 15.10 4.87 11.78
N GLY B 115 14.60 4.24 10.73
CA GLY B 115 13.93 2.98 10.86
C GLY B 115 12.57 3.17 11.50
N PRO B 116 11.80 2.08 11.63
CA PRO B 116 10.39 2.20 12.04
C PRO B 116 10.09 1.96 13.51
N LEU B 117 11.10 1.92 14.39
CA LEU B 117 10.90 1.39 15.73
C LEU B 117 11.14 2.40 16.85
N TYR B 118 11.11 3.70 16.58
CA TYR B 118 11.18 4.65 17.68
C TYR B 118 9.91 4.58 18.52
N VAL B 119 10.04 4.84 19.81
CA VAL B 119 8.90 4.94 20.73
C VAL B 119 9.09 6.17 21.59
N ALA B 120 8.13 7.10 21.54
CA ALA B 120 8.18 8.31 22.35
C ALA B 120 7.77 8.01 23.79
N GLY B 121 8.34 8.76 24.72
CA GLY B 121 7.95 8.72 26.12
C GLY B 121 8.98 8.16 27.08
N ALA B 122 10.19 7.86 26.61
CA ALA B 122 11.17 7.22 27.47
C ALA B 122 11.61 8.18 28.57
N PRO B 123 12.03 7.66 29.72
CA PRO B 123 12.47 8.54 30.80
C PRO B 123 13.76 9.24 30.42
N VAL B 124 13.89 10.46 30.94
CA VAL B 124 15.04 11.33 30.69
C VAL B 124 15.82 11.46 31.98
N ARG B 125 17.13 11.32 31.89
CA ARG B 125 18.02 11.52 33.03
C ARG B 125 19.04 12.59 32.69
N ASP B 126 19.59 13.19 33.74
CA ASP B 126 20.70 14.12 33.58
C ASP B 126 22.01 13.34 33.51
N GLY B 127 22.72 13.50 32.39
CA GLY B 127 24.10 13.05 32.28
C GLY B 127 24.34 11.58 32.00
N VAL B 128 23.69 10.70 32.75
CA VAL B 128 23.91 9.26 32.62
CA VAL B 128 23.93 9.26 32.66
C VAL B 128 22.58 8.55 32.80
N ALA B 129 22.35 7.54 31.97
CA ALA B 129 21.13 6.75 32.03
C ALA B 129 21.46 5.28 31.89
N LYS B 130 20.85 4.47 32.75
CA LYS B 130 20.92 3.02 32.63
CA LYS B 130 20.92 3.01 32.63
C LYS B 130 19.62 2.56 31.98
N ILE B 131 19.73 1.93 30.80
CA ILE B 131 18.54 1.65 30.00
C ILE B 131 18.23 0.17 29.85
N ASP B 132 19.07 -0.74 30.36
CA ASP B 132 18.69 -2.16 30.36
C ASP B 132 17.85 -2.43 31.60
N LEU B 133 16.54 -2.49 31.41
CA LEU B 133 15.59 -2.75 32.48
C LEU B 133 15.29 -4.23 32.65
N ASP B 134 15.49 -5.03 31.60
CA ASP B 134 15.27 -6.46 31.65
C ASP B 134 16.59 -7.18 31.50
N ASP B 135 16.76 -8.25 32.27
CA ASP B 135 17.95 -9.08 32.14
C ASP B 135 17.96 -9.77 30.79
N ASP B 136 19.17 -10.04 30.29
CA ASP B 136 19.38 -10.65 28.99
C ASP B 136 20.73 -11.37 29.09
N ALA B 137 20.67 -12.64 29.48
CA ALA B 137 21.90 -13.36 29.83
C ALA B 137 22.88 -13.41 28.68
N ASP B 138 22.40 -13.39 27.44
CA ASP B 138 23.26 -13.57 26.30
C ASP B 138 23.91 -12.27 25.80
N ALA B 139 23.57 -11.12 26.39
CA ALA B 139 24.13 -9.84 25.97
C ALA B 139 25.08 -9.31 27.03
N GLY B 140 26.26 -8.91 26.62
CA GLY B 140 27.24 -8.39 27.55
C GLY B 140 27.06 -6.89 27.76
N PRO B 141 27.62 -6.37 28.85
CA PRO B 141 27.44 -4.95 29.18
C PRO B 141 28.17 -4.01 28.22
N LEU B 142 27.54 -2.86 27.99
CA LEU B 142 28.02 -1.87 27.04
C LEU B 142 27.79 -0.48 27.61
N VAL B 143 28.84 0.35 27.59
CA VAL B 143 28.73 1.77 27.90
C VAL B 143 28.89 2.52 26.58
N ILE B 144 27.95 3.43 26.32
CA ILE B 144 28.02 4.35 25.19
C ILE B 144 28.16 5.75 25.76
N ARG B 145 29.17 6.48 25.33
CA ARG B 145 29.34 7.81 25.88
C ARG B 145 29.99 8.71 24.84
N GLY B 146 29.75 10.00 25.00
CA GLY B 146 30.38 10.97 24.13
C GLY B 146 30.08 12.37 24.57
N THR B 147 30.50 13.32 23.74
CA THR B 147 30.28 14.74 23.96
C THR B 147 29.57 15.33 22.75
N VAL B 148 28.59 16.19 23.03
CA VAL B 148 27.81 16.87 21.99
C VAL B 148 28.36 18.28 21.87
N THR B 149 28.79 18.66 20.67
CA THR B 149 29.24 20.01 20.37
C THR B 149 28.48 20.53 19.16
N GLY B 150 28.54 21.85 18.96
CA GLY B 150 28.14 22.43 17.71
C GLY B 150 29.25 22.34 16.69
N THR B 151 28.96 22.74 15.45
CA THR B 151 30.00 22.72 14.42
C THR B 151 31.16 23.66 14.74
N ASP B 152 30.99 24.63 15.65
CA ASP B 152 32.10 25.46 16.09
C ASP B 152 32.92 24.83 17.21
N GLY B 153 32.60 23.61 17.62
CA GLY B 153 33.37 22.90 18.61
C GLY B 153 32.99 23.16 20.04
N LYS B 154 32.09 24.09 20.32
CA LYS B 154 31.72 24.39 21.70
C LYS B 154 30.72 23.35 22.22
N PRO B 155 30.89 22.87 23.46
CA PRO B 155 29.94 21.88 24.00
C PRO B 155 28.55 22.46 24.14
N LEU B 156 27.55 21.59 23.95
CA LEU B 156 26.14 21.96 24.07
C LEU B 156 25.59 21.35 25.35
N ALA B 157 25.31 22.20 26.34
CA ALA B 157 24.74 21.74 27.60
C ALA B 157 23.24 21.63 27.46
N GLY B 158 22.68 20.59 28.08
CA GLY B 158 21.26 20.37 28.07
C GLY B 158 20.70 19.88 26.76
N ALA B 159 21.55 19.44 25.83
CA ALA B 159 21.08 18.78 24.62
C ALA B 159 20.44 17.45 25.00
N LEU B 160 19.49 17.00 24.18
CA LEU B 160 18.78 15.75 24.42
C LEU B 160 19.32 14.66 23.50
N VAL B 161 19.91 13.64 24.10
CA VAL B 161 20.42 12.48 23.36
C VAL B 161 19.49 11.32 23.66
N GLU B 162 18.84 10.80 22.62
CA GLU B 162 17.93 9.67 22.76
C GLU B 162 18.52 8.48 22.03
N CYS B 163 18.37 7.30 22.61
CA CYS B 163 18.93 6.05 22.09
CA CYS B 163 18.80 6.12 21.90
C CYS B 163 17.84 4.96 22.11
N TRP B 164 17.88 4.05 21.14
CA TRP B 164 17.06 2.84 21.21
C TRP B 164 17.76 1.73 20.42
N HIS B 165 17.65 0.50 20.92
CA HIS B 165 18.32 -0.60 20.25
C HIS B 165 17.71 -1.93 20.70
N ALA B 166 18.12 -3.00 20.02
CA ALA B 166 17.58 -4.34 20.20
C ALA B 166 18.30 -5.11 21.31
N ASN B 167 17.65 -6.19 21.76
CA ASN B 167 18.24 -7.11 22.72
C ASN B 167 19.04 -8.21 21.99
N SER B 168 19.48 -9.23 22.73
CA SER B 168 20.32 -10.29 22.15
C SER B 168 19.55 -11.18 21.19
N LYS B 169 18.23 -11.11 21.18
CA LYS B 169 17.39 -11.85 20.26
C LYS B 169 16.98 -11.01 19.07
N GLY B 170 17.49 -9.78 18.97
CA GLY B 170 17.16 -8.90 17.87
C GLY B 170 15.84 -8.16 18.01
N PHE B 171 15.24 -8.16 19.19
CA PHE B 171 13.92 -7.55 19.39
C PHE B 171 14.02 -6.29 20.25
N TYR B 172 13.17 -5.33 19.91
CA TYR B 172 13.03 -4.06 20.60
C TYR B 172 11.82 -4.09 21.50
N SER B 173 11.90 -3.39 22.63
CA SER B 173 10.72 -3.21 23.45
C SER B 173 9.63 -2.52 22.64
N HIS B 174 8.38 -2.92 22.89
CA HIS B 174 7.18 -2.46 22.23
C HIS B 174 6.97 -3.13 20.87
N PHE B 175 7.94 -3.92 20.39
CA PHE B 175 7.83 -4.63 19.12
C PHE B 175 8.35 -6.07 19.24
N ASP B 176 8.23 -6.68 20.42
CA ASP B 176 8.78 -8.01 20.64
C ASP B 176 7.67 -9.02 20.49
N PRO B 177 7.69 -9.89 19.47
CA PRO B 177 6.58 -10.84 19.29
C PRO B 177 6.61 -12.02 20.26
N THR B 178 7.72 -12.26 20.94
CA THR B 178 7.85 -13.42 21.82
C THR B 178 7.32 -13.19 23.22
N GLY B 179 6.96 -11.96 23.56
CA GLY B 179 6.53 -11.61 24.90
C GLY B 179 6.90 -10.16 25.17
N ALA B 180 6.10 -9.52 26.01
CA ALA B 180 6.30 -8.11 26.28
C ALA B 180 7.57 -7.87 27.10
N GLN B 181 8.38 -6.92 26.65
CA GLN B 181 9.47 -6.39 27.44
C GLN B 181 8.91 -5.34 28.40
N THR B 182 9.69 -5.01 29.41
CA THR B 182 9.34 -3.85 30.22
C THR B 182 9.30 -2.63 29.29
N ALA B 183 8.32 -1.77 29.52
CA ALA B 183 8.25 -0.52 28.76
C ALA B 183 9.59 0.20 28.77
N PHE B 184 10.05 0.59 27.59
CA PHE B 184 11.26 1.35 27.39
C PHE B 184 12.53 0.58 27.72
N ASN B 185 12.47 -0.74 27.76
CA ASN B 185 13.71 -1.50 27.83
C ASN B 185 14.58 -1.14 26.64
N LEU B 186 15.84 -0.82 26.91
CA LEU B 186 16.84 -0.45 25.92
C LEU B 186 16.46 0.81 25.14
N ARG B 187 15.73 1.71 25.81
CA ARG B 187 15.36 3.01 25.26
C ARG B 187 15.55 4.06 26.34
N GLY B 188 16.28 5.13 26.02
CA GLY B 188 16.53 6.14 27.02
C GLY B 188 16.83 7.48 26.39
N ALA B 189 16.85 8.48 27.26
CA ALA B 189 17.19 9.84 26.88
C ALA B 189 18.04 10.44 27.99
N VAL B 190 19.03 11.21 27.59
CA VAL B 190 19.93 11.89 28.50
C VAL B 190 20.00 13.35 28.12
N ARG B 191 19.87 14.24 29.10
CA ARG B 191 20.22 15.65 28.91
CA ARG B 191 20.21 15.65 28.92
C ARG B 191 21.69 15.80 29.20
N THR B 192 22.44 16.32 28.23
CA THR B 192 23.89 16.47 28.42
C THR B 192 24.18 17.38 29.60
N ASP B 193 25.32 17.14 30.24
CA ASP B 193 25.75 17.94 31.37
C ASP B 193 26.30 19.28 30.88
N ALA B 194 26.83 20.08 31.82
CA ALA B 194 27.28 21.42 31.47
C ALA B 194 28.42 21.43 30.48
N ASN B 195 29.12 20.30 30.34
CA ASN B 195 30.23 20.17 29.41
C ASN B 195 29.88 19.32 28.19
N GLY B 196 28.59 19.12 27.91
CA GLY B 196 28.14 18.42 26.72
C GLY B 196 28.17 16.91 26.79
N LYS B 197 28.45 16.32 27.95
CA LYS B 197 28.66 14.88 28.03
C LYS B 197 27.34 14.13 28.22
N TYR B 198 27.26 12.95 27.61
CA TYR B 198 26.18 12.02 27.84
C TYR B 198 26.78 10.63 28.01
N GLU B 199 26.05 9.74 28.66
CA GLU B 199 26.47 8.37 28.86
C GLU B 199 25.25 7.47 29.03
N PHE B 200 25.25 6.34 28.33
CA PHE B 200 24.26 5.29 28.52
C PHE B 200 24.96 4.03 28.99
N ARG B 201 24.35 3.35 29.95
CA ARG B 201 24.78 2.03 30.37
C ARG B 201 23.70 1.05 29.95
N THR B 202 24.09 0.05 29.17
CA THR B 202 23.14 -0.81 28.48
C THR B 202 23.78 -2.18 28.26
N LEU B 203 23.21 -2.93 27.32
CA LEU B 203 23.71 -4.22 26.91
C LEU B 203 23.93 -4.18 25.40
N MET B 204 24.79 -5.08 24.92
CA MET B 204 25.18 -5.07 23.50
C MET B 204 24.03 -5.55 22.61
N PRO B 205 23.67 -4.80 21.57
CA PRO B 205 22.62 -5.25 20.64
C PRO B 205 23.14 -6.33 19.70
N VAL B 206 22.18 -7.09 19.15
CA VAL B 206 22.42 -8.00 18.04
CA VAL B 206 22.46 -7.95 18.02
C VAL B 206 21.52 -7.55 16.89
N GLY B 207 21.93 -7.88 15.67
CA GLY B 207 21.13 -7.59 14.49
C GLY B 207 19.88 -8.47 14.45
N TYR B 208 19.11 -8.29 13.38
CA TYR B 208 17.79 -8.91 13.32
C TYR B 208 17.31 -8.92 11.88
N GLY B 209 16.28 -9.73 11.65
CA GLY B 209 15.65 -9.84 10.35
C GLY B 209 14.20 -9.39 10.37
N CYS B 210 13.63 -9.34 9.18
CA CYS B 210 12.22 -9.02 9.04
C CYS B 210 11.36 -10.15 9.58
N PRO B 211 10.10 -9.88 9.94
CA PRO B 211 9.18 -10.97 10.29
C PRO B 211 9.06 -11.95 9.14
N PRO B 212 9.37 -13.23 9.36
CA PRO B 212 9.56 -14.13 8.21
C PRO B 212 8.33 -14.35 7.35
N GLN B 213 7.13 -14.30 7.91
CA GLN B 213 5.90 -14.48 7.16
C GLN B 213 5.31 -13.16 6.68
N GLY B 214 5.96 -12.05 6.98
CA GLY B 214 5.41 -10.74 6.65
C GLY B 214 5.61 -10.34 5.21
N ALA B 215 4.95 -9.24 4.85
CA ALA B 215 4.95 -8.77 3.47
C ALA B 215 6.33 -8.35 3.01
N THR B 216 7.13 -7.74 3.88
CA THR B 216 8.43 -7.25 3.44
C THR B 216 9.33 -8.43 3.06
N GLN B 217 9.39 -9.45 3.92
CA GLN B 217 10.20 -10.61 3.60
C GLN B 217 9.65 -11.34 2.39
N GLN B 218 8.34 -11.34 2.19
CA GLN B 218 7.78 -12.00 1.01
C GLN B 218 8.33 -11.37 -0.27
N LEU B 219 8.33 -10.03 -0.32
CA LEU B 219 8.85 -9.34 -1.49
C LEU B 219 10.35 -9.55 -1.64
N LEU B 220 11.09 -9.45 -0.54
CA LEU B 220 12.54 -9.70 -0.60
C LEU B 220 12.83 -11.11 -1.10
N ASN B 221 12.08 -12.11 -0.61
CA ASN B 221 12.24 -13.48 -1.10
C ASN B 221 12.00 -13.54 -2.59
N GLY B 222 10.99 -12.83 -3.08
CA GLY B 222 10.71 -12.79 -4.51
C GLY B 222 11.87 -12.22 -5.30
N LEU B 223 12.60 -11.26 -4.71
CA LEU B 223 13.75 -10.68 -5.38
C LEU B 223 15.02 -11.50 -5.19
N GLY B 224 15.03 -12.46 -4.27
CA GLY B 224 16.25 -13.20 -3.95
C GLY B 224 17.13 -12.53 -2.92
N ARG B 225 16.59 -11.60 -2.11
CA ARG B 225 17.35 -10.83 -1.14
C ARG B 225 17.03 -11.28 0.29
N HIS B 226 18.02 -11.14 1.17
CA HIS B 226 17.78 -11.33 2.59
C HIS B 226 17.19 -10.06 3.20
N GLY B 227 16.59 -10.22 4.38
CA GLY B 227 16.00 -9.11 5.10
C GLY B 227 16.63 -8.83 6.45
N ASN B 228 17.95 -8.93 6.54
CA ASN B 228 18.67 -8.82 7.80
C ASN B 228 19.42 -7.50 7.92
N ARG B 229 19.61 -7.07 9.17
CA ARG B 229 20.37 -5.89 9.51
CA ARG B 229 20.37 -5.89 9.51
C ARG B 229 21.53 -6.26 10.43
N PRO B 230 22.68 -5.64 10.28
CA PRO B 230 23.74 -5.80 11.28
C PRO B 230 23.36 -5.08 12.56
N ALA B 231 24.08 -5.41 13.65
CA ALA B 231 23.79 -4.81 14.94
C ALA B 231 24.09 -3.32 14.93
N HIS B 232 23.24 -2.55 15.59
CA HIS B 232 23.34 -1.09 15.57
C HIS B 232 22.59 -0.49 16.76
N VAL B 233 22.86 0.80 17.00
CA VAL B 233 22.16 1.60 18.00
C VAL B 233 21.69 2.87 17.33
N HIS B 234 20.41 3.22 17.54
CA HIS B 234 19.80 4.40 16.96
C HIS B 234 19.92 5.59 17.89
N PHE B 235 20.01 6.78 17.30
CA PHE B 235 20.03 8.04 18.04
C PHE B 235 19.19 9.13 17.40
N PHE B 236 18.52 9.90 18.26
CA PHE B 236 18.10 11.26 17.96
C PHE B 236 18.91 12.19 18.86
N VAL B 237 19.38 13.30 18.33
CA VAL B 237 20.08 14.30 19.15
C VAL B 237 19.51 15.66 18.79
N SER B 238 19.07 16.40 19.80
CA SER B 238 18.46 17.70 19.57
C SER B 238 18.93 18.68 20.64
N GLY B 239 18.78 19.96 20.32
CA GLY B 239 19.13 20.98 21.29
C GLY B 239 18.71 22.35 20.80
N ASP B 240 18.43 23.26 21.74
CA ASP B 240 18.05 24.61 21.39
CA ASP B 240 18.06 24.61 21.39
C ASP B 240 19.08 25.20 20.43
N GLY B 241 18.58 25.86 19.40
CA GLY B 241 19.44 26.52 18.44
C GLY B 241 20.05 25.64 17.38
N HIS B 242 19.75 24.34 17.38
CA HIS B 242 20.38 23.40 16.46
C HIS B 242 19.34 22.51 15.81
N ARG B 243 19.72 21.93 14.67
CA ARG B 243 18.88 20.97 13.98
C ARG B 243 18.88 19.65 14.70
N LYS B 244 17.80 18.90 14.57
CA LYS B 244 17.69 17.57 15.14
C LYS B 244 18.40 16.56 14.24
N LEU B 245 19.35 15.83 14.82
CA LEU B 245 20.09 14.79 14.10
C LEU B 245 19.41 13.43 14.30
N THR B 246 19.19 12.72 13.19
CA THR B 246 18.85 11.31 13.21
C THR B 246 20.06 10.54 12.73
N THR B 247 20.56 9.63 13.55
CA THR B 247 21.76 8.89 13.18
C THR B 247 21.73 7.53 13.87
N GLN B 248 22.82 6.78 13.68
CA GLN B 248 23.01 5.50 14.34
C GLN B 248 24.50 5.22 14.32
N PHE B 249 24.92 4.22 15.08
CA PHE B 249 26.21 3.61 14.81
C PHE B 249 26.05 2.10 14.69
N ASN B 250 26.97 1.52 13.94
CA ASN B 250 27.05 0.08 13.76
C ASN B 250 28.12 -0.51 14.64
N ILE B 251 27.85 -1.72 15.15
CA ILE B 251 28.81 -2.48 15.93
C ILE B 251 29.88 -3.03 15.00
N GLU B 252 31.12 -2.66 15.27
CA GLU B 252 32.27 -3.12 14.51
C GLU B 252 32.31 -4.64 14.48
N GLY B 253 32.66 -5.20 13.31
CA GLY B 253 32.89 -6.62 13.19
C GLY B 253 31.68 -7.47 12.84
N ASP B 254 30.50 -6.88 12.73
CA ASP B 254 29.33 -7.66 12.36
C ASP B 254 29.47 -8.12 10.93
N PRO B 255 29.27 -9.41 10.64
CA PRO B 255 29.46 -9.87 9.24
C PRO B 255 28.53 -9.20 8.23
N LEU B 256 27.41 -8.62 8.66
CA LEU B 256 26.47 -7.97 7.77
C LEU B 256 26.66 -6.45 7.74
N ILE B 257 27.76 -5.96 8.29
CA ILE B 257 27.88 -4.52 8.49
C ILE B 257 27.75 -3.77 7.17
N TRP B 258 28.30 -4.32 6.08
CA TRP B 258 28.18 -3.69 4.77
C TRP B 258 27.19 -4.41 3.86
N ASP B 259 26.26 -5.18 4.42
CA ASP B 259 25.20 -5.81 3.65
C ASP B 259 23.86 -5.66 4.36
N ASP B 260 23.59 -4.46 4.87
CA ASP B 260 22.32 -4.14 5.51
C ASP B 260 21.21 -4.14 4.47
N PHE B 261 20.10 -4.83 4.75
CA PHE B 261 18.98 -4.82 3.80
C PHE B 261 18.34 -3.45 3.67
N ALA B 262 18.62 -2.53 4.59
CA ALA B 262 18.08 -1.19 4.57
C ALA B 262 19.11 -0.13 4.20
N TYR B 263 20.33 -0.54 3.85
CA TYR B 263 21.31 0.32 3.20
C TYR B 263 21.76 1.48 4.08
N ALA B 264 21.80 1.28 5.40
CA ALA B 264 21.98 2.40 6.33
C ALA B 264 23.42 2.60 6.82
N THR B 265 24.32 1.67 6.57
CA THR B 265 25.66 1.78 7.13
C THR B 265 26.44 2.90 6.45
N ARG B 266 27.21 3.63 7.25
CA ARG B 266 28.11 4.68 6.77
C ARG B 266 29.46 4.54 7.45
N GLU B 267 30.53 4.73 6.69
CA GLU B 267 31.86 4.45 7.22
C GLU B 267 32.21 5.35 8.39
N GLU B 268 31.61 6.55 8.45
CA GLU B 268 31.86 7.49 9.55
C GLU B 268 31.17 7.09 10.84
N LEU B 269 30.31 6.07 10.80
CA LEU B 269 29.45 5.68 11.91
C LEU B 269 29.72 4.25 12.34
N ILE B 270 30.99 3.84 12.38
CA ILE B 270 31.41 2.52 12.85
C ILE B 270 32.50 2.74 13.89
N PRO B 271 32.13 3.08 15.12
CA PRO B 271 33.13 3.46 16.12
C PRO B 271 33.94 2.28 16.62
N HIS B 272 35.14 2.63 17.09
CA HIS B 272 35.97 1.64 17.75
CA HIS B 272 36.01 1.69 17.78
C HIS B 272 35.34 1.20 19.06
N VAL B 273 35.34 -0.13 19.28
CA VAL B 273 34.84 -0.72 20.51
C VAL B 273 36.04 -1.05 21.39
N VAL B 274 36.00 -0.62 22.64
CA VAL B 274 37.12 -0.76 23.57
C VAL B 274 36.73 -1.71 24.69
N ASP B 275 37.66 -2.59 25.06
CA ASP B 275 37.46 -3.49 26.19
C ASP B 275 37.89 -2.79 27.47
N LYS B 276 37.03 -2.85 28.48
CA LYS B 276 37.25 -2.21 29.76
C LYS B 276 37.05 -3.23 30.88
N THR B 277 37.58 -2.90 32.06
CA THR B 277 37.26 -3.61 33.28
C THR B 277 36.78 -2.60 34.31
N GLY B 278 36.32 -3.12 35.46
CA GLY B 278 35.75 -2.28 36.49
C GLY B 278 34.26 -2.10 36.38
N GLY B 279 33.56 -3.04 35.74
CA GLY B 279 32.14 -2.85 35.46
C GLY B 279 31.25 -2.85 36.69
N ALA B 280 31.59 -3.64 37.72
CA ALA B 280 30.70 -3.75 38.87
C ALA B 280 30.55 -2.42 39.58
N ALA B 281 31.60 -1.60 39.61
CA ALA B 281 31.52 -0.30 40.27
C ALA B 281 30.56 0.63 39.56
N LEU B 282 30.28 0.38 38.28
CA LEU B 282 29.37 1.18 37.48
C LEU B 282 27.98 0.56 37.40
N GLY B 283 27.73 -0.50 38.15
CA GLY B 283 26.44 -1.15 38.14
C GLY B 283 26.24 -2.12 37.01
N MET B 284 27.31 -2.53 36.33
CA MET B 284 27.25 -3.52 35.27
CA MET B 284 27.14 -3.53 35.30
C MET B 284 27.39 -4.92 35.87
N LYS B 285 26.93 -5.91 35.13
CA LYS B 285 26.79 -7.26 35.68
C LYS B 285 28.07 -8.08 35.64
N SER B 286 29.12 -7.59 34.99
CA SER B 286 30.40 -8.30 34.95
C SER B 286 31.51 -7.28 35.11
N ASP B 287 32.69 -7.77 35.48
CA ASP B 287 33.85 -6.89 35.56
C ASP B 287 34.22 -6.36 34.19
N ALA B 288 34.30 -7.24 33.19
CA ALA B 288 34.61 -6.83 31.83
C ALA B 288 33.39 -6.23 31.15
N TYR B 289 33.61 -5.20 30.37
CA TYR B 289 32.53 -4.61 29.58
C TYR B 289 33.14 -3.94 28.36
N LYS B 290 32.29 -3.49 27.45
CA LYS B 290 32.74 -2.78 26.26
C LYS B 290 32.28 -1.34 26.34
N GLU B 291 33.12 -0.43 25.83
CA GLU B 291 32.78 0.98 25.77
C GLU B 291 32.91 1.48 24.33
N ILE B 292 31.89 2.20 23.88
CA ILE B 292 31.90 2.82 22.56
C ILE B 292 31.78 4.32 22.77
N GLU B 293 32.78 5.06 22.30
CA GLU B 293 32.73 6.51 22.28
C GLU B 293 32.06 6.95 20.98
N PHE B 294 31.04 7.81 21.11
CA PHE B 294 30.26 8.28 19.97
C PHE B 294 29.97 9.76 20.22
N ASP B 295 30.84 10.61 19.70
CA ASP B 295 30.66 12.04 19.81
C ASP B 295 29.69 12.53 18.74
N ILE B 296 29.06 13.67 19.01
CA ILE B 296 28.04 14.23 18.13
C ILE B 296 28.34 15.70 17.89
N VAL B 297 28.29 16.11 16.63
CA VAL B 297 28.44 17.49 16.22
C VAL B 297 27.12 17.90 15.56
N LEU B 298 26.45 18.89 16.13
CA LEU B 298 25.16 19.36 15.64
C LEU B 298 25.33 20.64 14.84
N THR B 299 24.44 20.81 13.87
CA THR B 299 24.48 21.98 13.00
CA THR B 299 24.49 21.98 13.02
C THR B 299 23.53 23.05 13.54
N PRO B 300 23.97 24.31 13.65
CA PRO B 300 23.05 25.36 14.10
C PRO B 300 21.95 25.57 13.09
N LEU B 301 20.78 25.98 13.59
CA LEU B 301 19.67 26.29 12.71
C LEU B 301 20.05 27.38 11.73
N LEU B 302 19.64 27.20 10.49
CA LEU B 302 19.68 28.26 9.48
C LEU B 302 18.36 29.02 9.51
N ASP B 303 18.44 30.32 9.76
CA ASP B 303 17.27 31.17 9.79
C ASP B 303 16.23 30.68 10.79
N GLY B 304 16.72 30.13 11.89
CA GLY B 304 15.87 29.83 13.02
C GLY B 304 14.92 28.68 12.84
N ARG B 305 15.02 27.92 11.75
CA ARG B 305 14.09 26.84 11.48
C ARG B 305 14.83 25.61 10.97
N ASP B 306 14.41 24.45 11.46
CA ASP B 306 14.97 23.16 11.05
C ASP B 306 14.19 22.65 9.84
N ASN B 307 14.82 22.66 8.68
CA ASN B 307 14.17 22.25 7.44
C ASN B 307 14.52 20.84 7.02
N GLN B 308 15.07 20.04 7.92
CA GLN B 308 15.26 18.61 7.66
C GLN B 308 14.64 17.70 8.70
N VAL B 309 14.08 18.25 9.79
CA VAL B 309 13.41 17.41 10.77
C VAL B 309 12.18 16.76 10.11
N VAL B 310 11.92 15.50 10.49
CA VAL B 310 10.92 14.68 9.84
C VAL B 310 9.81 14.36 10.83
N HIS B 311 8.57 14.61 10.41
CA HIS B 311 7.38 14.18 11.13
C HIS B 311 6.83 12.95 10.43
N ARG B 312 6.72 11.86 11.19
CA ARG B 312 6.12 10.63 10.70
C ARG B 312 5.44 9.97 11.87
N PRO B 313 4.47 9.08 11.61
CA PRO B 313 3.86 8.32 12.71
C PRO B 313 4.93 7.57 13.49
N ARG B 314 4.84 7.68 14.82
CA ARG B 314 5.73 7.00 15.74
C ARG B 314 4.94 6.49 16.93
N ALA B 315 5.32 5.32 17.40
CA ALA B 315 4.70 4.74 18.58
C ALA B 315 5.00 5.59 19.81
N SER B 316 4.22 5.36 20.85
CA SER B 316 4.41 6.01 22.14
C SER B 316 3.96 5.06 23.23
N ALA B 317 4.32 5.38 24.46
CA ALA B 317 3.95 4.53 25.58
C ALA B 317 4.19 5.32 26.87
N ASP B 318 3.72 4.74 27.98
CA ASP B 318 3.88 5.33 29.30
C ASP B 318 4.80 4.44 30.12
N ALA B 319 5.76 5.06 30.81
CA ALA B 319 6.76 4.32 31.56
C ALA B 319 6.13 3.52 32.69
O1 2PE C . 3.89 5.92 -1.43
C2 2PE C . 5.18 6.41 -1.14
C3 2PE C . 5.15 7.91 -0.99
O4 2PE C . 4.75 8.56 -2.18
C5 2PE C . 4.55 9.93 -2.03
C6 2PE C . 3.11 10.22 -1.67
O7 2PE C . 2.99 11.48 -1.04
C8 2PE C . 1.71 11.69 -0.49
C9 2PE C . 1.62 13.04 0.15
O10 2PE C . 0.35 13.22 0.76
C11 2PE C . 0.32 14.31 1.65
C12 2PE C . -0.95 15.11 1.50
O13 2PE C . -2.01 14.50 2.20
C14 2PE C . -3.28 15.04 1.89
C15 2PE C . -4.36 14.12 2.38
O16 2PE C . -4.02 12.79 2.04
C17 2PE C . -4.31 11.83 3.02
C18 2PE C . -3.31 10.70 2.92
O19 2PE C . -3.42 10.07 1.67
C20 2PE C . -2.20 9.91 1.02
C21 2PE C . -2.36 9.02 -0.19
O22 2PE C . -1.15 8.88 -0.89
C23 2PE C . -1.01 7.63 -1.53
C24 2PE C . -0.54 7.79 -2.94
O25 2PE C . -1.58 7.49 -3.84
C26 2PE C . -1.16 7.31 -5.17
C27 2PE C . -2.09 6.36 -5.89
O28 2PE C . -1.36 5.58 -6.82
FE FE D . -21.01 -3.11 -7.54
CA CA E . -36.47 -15.34 2.29
CA CA F . -29.94 -6.82 7.74
CA CA G . -17.81 -8.57 -36.86
CA CA H . 20.51 -16.96 -3.32
O37 12P I . 6.68 1.76 0.46
C36 12P I . 6.22 2.05 -0.84
C35 12P I . 7.33 1.76 -1.84
O34 12P I . 6.83 1.24 -3.04
C33 12P I . 7.58 0.14 -3.48
C32 12P I . 7.27 -0.20 -4.92
O31 12P I . 7.62 -1.55 -5.15
C30 12P I . 6.85 -2.19 -6.15
C29 12P I . 6.37 -3.53 -5.68
O28 12P I . 4.99 -3.69 -5.95
C27 12P I . 4.61 -5.01 -6.26
C26 12P I . 4.86 -5.94 -5.11
O25 12P I . 4.01 -7.06 -5.16
C24 12P I . 4.64 -8.28 -5.43
C23 12P I . 4.02 -9.43 -4.68
O22 12P I . 4.98 -10.04 -3.86
C21 12P I . 5.15 -11.43 -4.08
C20 12P I . 6.30 -11.68 -5.02
O19 12P I . 6.00 -12.75 -5.89
C18 12P I . 6.23 -12.48 -7.26
C17 12P I . 4.93 -12.04 -7.92
O16 12P I . 5.21 -11.31 -9.10
C15 12P I . 4.07 -10.66 -9.63
C14 12P I . 3.96 -9.25 -9.07
O13 12P I . 3.45 -8.33 -10.01
C12 12P I . 3.44 -7.02 -9.51
C11 12P I . 2.81 -6.05 -10.49
O10 12P I . 2.61 -4.80 -9.89
C9 12P I . 1.74 -3.95 -10.62
C8 12P I . 1.40 -2.69 -9.87
O7 12P I . 0.23 -2.82 -9.08
C6 12P I . -0.04 -1.64 -8.37
C5 12P I . -1.30 -1.74 -7.55
O4 12P I . -1.91 -0.47 -7.42
C3 12P I . -2.86 -0.39 -6.38
C2 12P I . -3.69 0.86 -6.48
O1 12P I . -2.86 1.99 -6.52
FE FE J . 17.09 -0.82 14.37
CA CA K . 18.79 -6.17 35.23
CA CA L . 8.97 8.45 -16.80
CA CA M . 20.83 1.31 39.47
#